data_3VFF
#
_entry.id   3VFF
#
_cell.length_a   80.061
_cell.length_b   96.603
_cell.length_c   108.555
_cell.angle_alpha   90.00
_cell.angle_beta   107.69
_cell.angle_gamma   90.00
#
_symmetry.space_group_name_H-M   'P 1 21 1'
#
loop_
_entity.id
_entity.type
_entity.pdbx_description
1 polymer Beta-lactamase
2 non-polymer '(2R)-2-[(1S)-1-(benzoylamino)-1-methoxy-2-oxoethyl]-5-methylidene-5,6-dihydro-2H-1,3-thiazine-4-carboxylic acid'
3 non-polymer 'PHOSPHATE ION'
4 water water
#
_entity_poly.entity_id   1
_entity_poly.type   'polypeptide(L)'
_entity_poly.pdbx_seq_one_letter_code
;MGSSHHHHHHSSGENLYFQGDLADRFAELERRYDARLGVYVPATGTTAAIEYRADERFAFCSTFKAPLVAAVLHQNPLTH
LDKLITYTSDDIRSISPVAQQHVQTGMTIGQLCDAAIRYSDGTAANLLLADLGGPGGGTAAFTGYLRSLGDTVSRLDAEA
PELNRDPPGDERDTTTPHAIALVLQQLVLGNALPPDKRALLTDWMARNTTGAKRIRAGFPADWKVIDKTGTGDYGRANDI
AVVWSPTGVPYVVAVMSDRAGGGYDAEPREALLAEAATCVAGVLA
;
_entity_poly.pdbx_strand_id   A,B,C,D
#
# COMPACT_ATOMS: atom_id res chain seq x y z
N ASP A 21 -33.59 -11.05 8.52
CA ASP A 21 -32.26 -11.63 8.55
C ASP A 21 -31.21 -10.57 8.73
N LEU A 22 -31.22 -9.58 7.82
CA LEU A 22 -30.36 -8.43 7.96
C LEU A 22 -30.78 -7.71 9.21
N ALA A 23 -32.08 -7.66 9.42
CA ALA A 23 -32.59 -6.95 10.55
C ALA A 23 -32.05 -7.59 11.79
N ASP A 24 -31.97 -8.90 11.79
CA ASP A 24 -31.49 -9.61 12.95
C ASP A 24 -30.05 -9.25 13.26
N ARG A 25 -29.23 -9.14 12.24
CA ARG A 25 -27.86 -8.77 12.48
C ARG A 25 -27.74 -7.37 13.05
N PHE A 26 -28.53 -6.45 12.55
CA PHE A 26 -28.50 -5.08 13.02
C PHE A 26 -28.90 -5.04 14.46
N ALA A 27 -29.89 -5.82 14.82
CA ALA A 27 -30.36 -5.86 16.17
C ALA A 27 -29.25 -6.35 17.09
N GLU A 28 -28.50 -7.34 16.65
CA GLU A 28 -27.44 -7.87 17.48
C GLU A 28 -26.46 -6.77 17.72
N LEU A 29 -26.21 -5.99 16.69
CA LEU A 29 -25.27 -4.90 16.83
C LEU A 29 -25.83 -3.97 17.85
N GLU A 30 -27.13 -3.77 17.81
CA GLU A 30 -27.76 -2.86 18.74
C GLU A 30 -27.54 -3.35 20.14
N ARG A 31 -27.71 -4.64 20.36
CA ARG A 31 -27.46 -5.22 21.66
C ARG A 31 -26.02 -5.13 22.05
N ARG A 32 -25.12 -5.39 21.13
CA ARG A 32 -23.74 -5.47 21.46
C ARG A 32 -23.13 -4.14 21.86
N TYR A 33 -23.83 -3.04 21.59
CA TYR A 33 -23.26 -1.73 21.78
C TYR A 33 -24.11 -0.82 22.66
N ASP A 34 -25.19 -1.37 23.20
CA ASP A 34 -26.11 -0.55 23.97
C ASP A 34 -26.41 0.72 23.19
N ALA A 35 -27.01 0.58 22.01
CA ALA A 35 -27.22 1.72 21.13
C ALA A 35 -28.50 1.55 20.32
N ARG A 36 -28.99 2.65 19.76
CA ARG A 36 -30.06 2.58 18.76
C ARG A 36 -29.43 2.84 17.38
N LEU A 37 -29.64 1.91 16.44
CA LEU A 37 -29.06 2.05 15.09
C LEU A 37 -30.11 2.29 14.00
N GLY A 38 -29.75 3.13 13.04
CA GLY A 38 -30.61 3.45 11.93
C GLY A 38 -29.81 3.42 10.65
N VAL A 39 -30.27 2.63 9.69
CA VAL A 39 -29.51 2.40 8.46
C VAL A 39 -30.41 2.61 7.25
N TYR A 40 -29.89 3.27 6.23
CA TYR A 40 -30.57 3.27 4.96
C TYR A 40 -29.64 3.32 3.74
N VAL A 41 -29.87 2.44 2.78
CA VAL A 41 -29.20 2.47 1.47
C VAL A 41 -30.28 2.45 0.40
N PRO A 42 -30.43 3.56 -0.35
CA PRO A 42 -31.41 3.65 -1.43
C PRO A 42 -31.39 2.43 -2.37
N ALA A 43 -32.57 2.03 -2.84
CA ALA A 43 -32.67 1.00 -3.86
C ALA A 43 -31.97 1.44 -5.15
N THR A 44 -31.47 0.45 -5.89
CA THR A 44 -30.94 0.68 -7.24
C THR A 44 -31.59 -0.29 -8.24
N GLY A 45 -31.18 -0.19 -9.51
CA GLY A 45 -31.69 -1.06 -10.55
C GLY A 45 -31.57 -2.55 -10.30
N THR A 46 -30.65 -2.94 -9.40
CA THR A 46 -30.40 -4.35 -9.12
C THR A 46 -30.45 -4.76 -7.63
N THR A 47 -30.52 -3.78 -6.73
CA THR A 47 -30.58 -4.08 -5.30
C THR A 47 -31.78 -3.39 -4.64
N ALA A 48 -32.46 -4.10 -3.73
CA ALA A 48 -33.53 -3.48 -2.93
C ALA A 48 -32.94 -2.46 -1.95
N ALA A 49 -33.75 -1.48 -1.54
CA ALA A 49 -33.36 -0.57 -0.47
C ALA A 49 -33.03 -1.38 0.79
N ILE A 50 -31.95 -1.01 1.48
CA ILE A 50 -31.69 -1.56 2.82
C ILE A 50 -32.19 -0.59 3.88
N GLU A 51 -32.90 -1.10 4.87
CA GLU A 51 -33.47 -0.20 5.87
C GLU A 51 -33.64 -0.83 7.26
N TYR A 52 -33.08 -0.17 8.27
CA TYR A 52 -33.32 -0.48 9.68
C TYR A 52 -33.55 0.81 10.47
N ARG A 53 -34.75 0.97 11.03
CA ARG A 53 -35.14 2.20 11.70
C ARG A 53 -34.88 3.40 10.79
N ALA A 54 -35.08 3.19 9.48
CA ALA A 54 -34.81 4.18 8.46
C ALA A 54 -35.68 5.44 8.55
N ASP A 55 -36.84 5.34 9.21
CA ASP A 55 -37.79 6.45 9.27
C ASP A 55 -37.93 7.05 10.66
N GLU A 56 -37.13 6.58 11.60
CA GLU A 56 -37.13 7.17 12.93
C GLU A 56 -36.18 8.37 12.92
N ARG A 57 -36.47 9.36 13.74
CA ARG A 57 -35.66 10.57 13.78
C ARG A 57 -34.37 10.38 14.57
N PHE A 58 -33.29 10.96 14.05
CA PHE A 58 -31.99 10.97 14.70
C PHE A 58 -31.42 12.38 14.55
N ALA A 59 -30.64 12.81 15.53
CA ALA A 59 -30.03 14.14 15.50
C ALA A 59 -29.05 14.32 14.33
N PHE A 60 -29.21 15.38 13.57
CA PHE A 60 -28.28 15.67 12.47
C PHE A 60 -26.83 15.61 12.95
N CYS A 61 -26.58 16.19 14.11
CA CYS A 61 -25.22 16.60 14.47
C CYS A 61 -24.60 17.27 13.26
N SER A 62 -23.35 17.01 12.97
CA SER A 62 -22.71 17.81 11.93
C SER A 62 -22.98 17.32 10.50
N THR A 63 -23.81 16.32 10.33
CA THR A 63 -24.06 15.83 8.95
C THR A 63 -24.77 16.83 8.03
N PHE A 64 -25.48 17.81 8.62
CA PHE A 64 -26.15 18.84 7.83
C PHE A 64 -25.12 19.65 7.07
N LYS A 65 -23.94 19.81 7.64
CA LYS A 65 -22.90 20.63 7.04
C LYS A 65 -22.69 20.32 5.56
N ALA A 66 -23.02 19.08 5.17
CA ALA A 66 -22.82 18.65 3.78
C ALA A 66 -23.88 19.21 2.81
N PRO A 67 -25.17 18.93 3.04
CA PRO A 67 -26.22 19.63 2.26
C PRO A 67 -26.26 21.18 2.47
N LEU A 68 -25.72 21.69 3.58
CA LEU A 68 -25.59 23.13 3.79
C LEU A 68 -24.68 23.72 2.72
N VAL A 69 -23.49 23.15 2.59
CA VAL A 69 -22.52 23.58 1.60
C VAL A 69 -23.09 23.51 0.18
N ALA A 70 -24.11 22.68 -0.04
CA ALA A 70 -24.77 22.60 -1.34
C ALA A 70 -25.84 23.69 -1.47
N ALA A 71 -26.52 23.97 -0.36
CA ALA A 71 -27.38 25.16 -0.27
C ALA A 71 -26.62 26.41 -0.71
N VAL A 72 -25.40 26.56 -0.18
CA VAL A 72 -24.59 27.73 -0.46
C VAL A 72 -24.16 27.76 -1.92
N LEU A 73 -24.00 26.58 -2.50
CA LEU A 73 -23.51 26.48 -3.84
C LEU A 73 -24.62 26.64 -4.84
N HIS A 74 -25.79 26.17 -4.46
CA HIS A 74 -26.90 26.25 -5.34
C HIS A 74 -27.32 27.66 -5.57
N GLN A 75 -27.40 28.40 -4.49
CA GLN A 75 -27.91 29.75 -4.49
C GLN A 75 -27.09 30.76 -5.25
N ASN A 76 -25.79 30.64 -5.17
CA ASN A 76 -24.96 31.69 -5.70
C ASN A 76 -24.16 31.26 -6.89
N PRO A 77 -23.53 32.25 -7.49
CA PRO A 77 -22.57 32.06 -8.59
C PRO A 77 -21.31 31.39 -8.07
N LEU A 78 -20.66 30.56 -8.87
CA LEU A 78 -19.35 30.07 -8.47
C LEU A 78 -18.55 31.19 -7.83
N THR A 79 -18.51 32.30 -8.55
CA THR A 79 -17.79 33.50 -8.15
C THR A 79 -17.94 33.82 -6.67
N HIS A 80 -19.11 33.52 -6.13
CA HIS A 80 -19.41 33.83 -4.74
C HIS A 80 -18.41 33.20 -3.77
N LEU A 81 -17.79 32.09 -4.17
CA LEU A 81 -16.89 31.34 -3.30
C LEU A 81 -15.71 32.18 -2.79
N ASP A 82 -15.31 33.17 -3.60
CA ASP A 82 -14.17 34.03 -3.32
C ASP A 82 -14.48 35.13 -2.29
N LYS A 83 -15.73 35.21 -1.87
CA LYS A 83 -16.13 36.33 -1.01
C LYS A 83 -15.59 36.13 0.40
N LEU A 84 -14.90 37.13 0.92
CA LEU A 84 -14.26 36.99 2.22
C LEU A 84 -15.24 37.24 3.36
N ILE A 85 -15.25 36.34 4.35
CA ILE A 85 -16.14 36.52 5.48
C ILE A 85 -15.37 36.86 6.75
N THR A 86 -15.75 37.94 7.40
CA THR A 86 -15.07 38.39 8.59
C THR A 86 -15.85 38.05 9.85
N TYR A 87 -15.14 37.52 10.85
CA TYR A 87 -15.72 37.15 12.12
C TYR A 87 -14.72 37.41 13.24
N THR A 88 -15.20 37.30 14.48
CA THR A 88 -14.38 37.58 15.64
C THR A 88 -14.18 36.34 16.51
N SER A 89 -13.36 36.48 17.54
CA SER A 89 -13.09 35.38 18.45
C SER A 89 -14.33 34.95 19.24
N ASP A 90 -15.32 35.83 19.34
CA ASP A 90 -16.54 35.48 20.08
C ASP A 90 -17.58 34.75 19.23
N ASP A 91 -17.34 34.73 17.92
CA ASP A 91 -18.19 34.02 16.98
C ASP A 91 -17.97 32.52 17.07
N ILE A 92 -16.84 32.16 17.68
CA ILE A 92 -16.40 30.78 17.81
C ILE A 92 -17.10 30.10 18.98
N ARG A 93 -18.23 29.45 18.70
CA ARG A 93 -19.05 28.78 19.73
C ARG A 93 -18.76 27.29 19.95
N SER A 94 -18.18 26.63 18.96
CA SER A 94 -18.08 25.19 18.96
C SER A 94 -16.75 24.78 18.35
N ILE A 95 -16.50 23.48 18.35
CA ILE A 95 -15.24 22.93 17.86
C ILE A 95 -14.94 23.50 16.48
N SER A 96 -13.87 24.29 16.39
CA SER A 96 -13.54 25.04 15.17
C SER A 96 -12.05 24.94 14.79
N PRO A 97 -11.56 23.73 14.52
CA PRO A 97 -10.17 23.46 14.17
C PRO A 97 -9.58 24.42 13.14
N VAL A 98 -10.44 25.05 12.32
CA VAL A 98 -9.98 25.92 11.25
C VAL A 98 -10.30 27.42 11.51
N ALA A 99 -11.56 27.71 11.84
CA ALA A 99 -12.01 29.09 12.04
C ALA A 99 -11.29 29.72 13.23
N GLN A 100 -10.94 28.90 14.21
CA GLN A 100 -10.16 29.37 15.34
C GLN A 100 -8.83 29.96 14.89
N GLN A 101 -8.26 29.43 13.82
CA GLN A 101 -6.93 29.84 13.40
C GLN A 101 -6.90 30.98 12.38
N HIS A 102 -8.04 31.62 12.12
CA HIS A 102 -8.10 32.59 11.04
C HIS A 102 -8.91 33.81 11.30
N VAL A 103 -9.07 34.15 12.57
CA VAL A 103 -9.88 35.30 12.99
C VAL A 103 -9.31 36.58 12.40
N GLN A 104 -8.00 36.61 12.23
CA GLN A 104 -7.29 37.77 11.71
C GLN A 104 -7.51 37.96 10.22
N THR A 105 -7.41 36.86 9.47
CA THR A 105 -7.58 36.93 8.03
C THR A 105 -9.04 36.84 7.59
N GLY A 106 -9.81 35.99 8.27
CA GLY A 106 -11.13 35.63 7.80
C GLY A 106 -10.98 34.55 6.76
N MET A 107 -12.10 34.08 6.22
CA MET A 107 -12.04 33.01 5.22
C MET A 107 -13.03 33.26 4.10
N THR A 108 -12.66 32.87 2.88
CA THR A 108 -13.62 32.94 1.79
C THR A 108 -14.77 31.98 2.10
N ILE A 109 -15.87 32.11 1.36
CA ILE A 109 -16.98 31.19 1.45
C ILE A 109 -16.48 29.79 1.06
N GLY A 110 -15.48 29.76 0.18
CA GLY A 110 -14.84 28.52 -0.24
C GLY A 110 -14.08 27.82 0.88
N GLN A 111 -13.33 28.58 1.67
CA GLN A 111 -12.56 28.01 2.79
C GLN A 111 -13.47 27.60 3.93
N LEU A 112 -14.64 28.23 4.00
CA LEU A 112 -15.64 27.90 5.00
C LEU A 112 -16.28 26.58 4.61
N CYS A 113 -16.57 26.45 3.32
CA CYS A 113 -17.17 25.24 2.78
C CYS A 113 -16.27 24.07 3.09
N ASP A 114 -15.03 24.17 2.60
CA ASP A 114 -13.98 23.20 2.81
C ASP A 114 -13.85 22.69 4.26
N ALA A 115 -13.91 23.60 5.22
CA ALA A 115 -13.66 23.27 6.63
C ALA A 115 -14.90 22.73 7.32
N ALA A 116 -16.08 23.11 6.82
CA ALA A 116 -17.33 22.64 7.42
C ALA A 116 -17.55 21.19 7.06
N ILE A 117 -16.91 20.78 5.97
CA ILE A 117 -17.03 19.44 5.43
C ILE A 117 -15.84 18.56 5.85
N ARG A 118 -14.63 19.04 5.58
CA ARG A 118 -13.44 18.23 5.82
C ARG A 118 -12.98 18.15 7.29
N TYR A 119 -13.38 19.14 8.11
CA TYR A 119 -13.00 19.16 9.52
C TYR A 119 -14.17 19.31 10.47
N SER A 120 -15.36 19.51 9.89
CA SER A 120 -16.60 19.60 10.64
C SER A 120 -16.67 20.87 11.50
N ASP A 121 -15.90 21.88 11.09
CA ASP A 121 -15.80 23.17 11.80
C ASP A 121 -17.15 23.80 12.17
N GLY A 122 -17.40 23.89 13.47
CA GLY A 122 -18.62 24.48 13.98
C GLY A 122 -18.90 25.93 13.61
N THR A 123 -17.85 26.74 13.49
CA THR A 123 -18.01 28.15 13.15
C THR A 123 -18.20 28.35 11.63
N ALA A 124 -17.31 27.77 10.83
CA ALA A 124 -17.48 27.70 9.39
C ALA A 124 -18.93 27.39 9.00
N ALA A 125 -19.52 26.37 9.63
CA ALA A 125 -20.93 26.09 9.41
C ALA A 125 -21.83 27.25 9.85
N ASN A 126 -21.70 27.68 11.11
CA ASN A 126 -22.47 28.83 11.62
C ASN A 126 -22.46 30.06 10.70
N LEU A 127 -21.30 30.33 10.09
CA LEU A 127 -21.20 31.41 9.12
C LEU A 127 -22.04 31.15 7.86
N LEU A 128 -21.86 29.97 7.26
CA LEU A 128 -22.52 29.63 6.00
C LEU A 128 -24.04 29.64 6.13
N LEU A 129 -24.54 29.30 7.29
CA LEU A 129 -25.95 29.43 7.49
C LEU A 129 -26.23 30.90 7.32
N ALA A 130 -25.81 31.69 8.27
CA ALA A 130 -25.99 33.10 8.16
C ALA A 130 -26.02 33.47 6.70
N ASP A 131 -24.95 33.18 5.98
CA ASP A 131 -24.86 33.61 4.60
C ASP A 131 -26.00 33.10 3.78
N LEU A 132 -27.02 32.58 4.42
CA LEU A 132 -28.16 32.06 3.71
C LEU A 132 -29.38 32.93 3.97
N GLY A 133 -29.39 33.60 5.10
CA GLY A 133 -30.38 34.62 5.35
C GLY A 133 -31.61 34.22 6.11
N GLY A 134 -32.38 35.21 6.50
CA GLY A 134 -33.67 34.98 7.08
C GLY A 134 -33.66 34.46 8.48
N PRO A 135 -34.84 34.47 9.10
CA PRO A 135 -35.01 34.00 10.48
C PRO A 135 -34.25 32.72 10.75
N GLY A 136 -34.05 32.43 12.03
CA GLY A 136 -33.37 31.24 12.48
C GLY A 136 -31.88 31.18 12.18
N GLY A 137 -31.25 32.32 12.06
CA GLY A 137 -29.84 32.37 11.76
C GLY A 137 -29.53 31.74 10.42
N GLY A 138 -30.53 31.15 9.80
CA GLY A 138 -30.35 30.59 8.48
C GLY A 138 -30.94 29.22 8.42
N THR A 139 -31.48 28.78 9.51
CA THR A 139 -31.96 27.43 9.60
C THR A 139 -33.23 27.23 8.85
N ALA A 140 -34.01 28.28 8.69
CA ALA A 140 -35.23 28.20 7.91
C ALA A 140 -34.88 28.14 6.45
N ALA A 141 -33.89 28.91 6.08
CA ALA A 141 -33.41 28.89 4.72
C ALA A 141 -32.81 27.54 4.41
N PHE A 142 -32.21 26.91 5.39
CA PHE A 142 -31.58 25.63 5.16
C PHE A 142 -32.66 24.55 5.02
N THR A 143 -33.59 24.49 5.98
CA THR A 143 -34.72 23.57 5.85
C THR A 143 -35.51 23.85 4.56
N GLY A 144 -35.46 25.12 4.13
CA GLY A 144 -36.05 25.51 2.87
C GLY A 144 -35.39 24.73 1.74
N TYR A 145 -34.05 24.70 1.77
CA TYR A 145 -33.28 23.96 0.77
C TYR A 145 -33.51 22.44 0.80
N LEU A 146 -33.73 21.88 1.96
CA LEU A 146 -34.07 20.48 2.00
C LEU A 146 -35.38 20.22 1.34
N ARG A 147 -36.35 21.09 1.56
CA ARG A 147 -37.67 20.89 1.03
C ARG A 147 -37.60 20.87 -0.46
N SER A 148 -36.72 21.69 -0.99
CA SER A 148 -36.62 21.92 -2.40
C SER A 148 -36.18 20.64 -3.06
N LEU A 149 -35.75 19.69 -2.28
CA LEU A 149 -35.15 18.47 -2.79
C LEU A 149 -36.07 17.26 -2.52
N GLY A 150 -37.22 17.52 -1.91
CA GLY A 150 -38.24 16.51 -1.67
C GLY A 150 -38.25 16.01 -0.24
N ASP A 151 -37.29 16.45 0.56
CA ASP A 151 -37.23 16.07 1.95
C ASP A 151 -38.16 16.94 2.80
N THR A 152 -39.33 16.41 3.15
CA THR A 152 -40.29 17.04 4.06
C THR A 152 -40.15 16.62 5.51
N VAL A 153 -39.11 15.86 5.80
CA VAL A 153 -39.02 15.27 7.13
C VAL A 153 -38.03 16.03 8.01
N SER A 154 -36.93 16.39 7.39
CA SER A 154 -35.81 16.93 8.14
C SER A 154 -36.03 18.41 8.47
N ARG A 155 -35.37 18.86 9.53
CA ARG A 155 -35.52 20.23 9.99
C ARG A 155 -34.32 20.67 10.82
N LEU A 156 -33.77 21.83 10.49
CA LEU A 156 -32.67 22.37 11.27
C LEU A 156 -33.18 23.65 11.92
N ASP A 157 -33.33 23.61 13.24
CA ASP A 157 -33.90 24.72 13.98
C ASP A 157 -32.85 25.61 14.64
N ALA A 158 -31.82 25.00 15.21
CA ALA A 158 -30.81 25.74 15.97
C ALA A 158 -29.45 25.81 15.31
N GLU A 159 -28.58 26.65 15.86
CA GLU A 159 -27.26 26.87 15.30
C GLU A 159 -26.24 26.05 16.05
N ALA A 160 -25.04 25.97 15.52
CA ALA A 160 -23.96 25.28 16.20
C ALA A 160 -23.49 26.16 17.35
N PRO A 161 -23.66 25.68 18.58
CA PRO A 161 -24.22 24.35 18.81
C PRO A 161 -25.57 24.41 19.49
N GLU A 162 -25.87 23.37 20.24
CA GLU A 162 -27.19 23.19 20.79
C GLU A 162 -27.80 22.19 19.83
N LEU A 163 -27.48 22.31 18.56
CA LEU A 163 -27.97 21.36 17.59
C LEU A 163 -27.68 19.96 18.07
N ASN A 164 -26.57 19.80 18.77
CA ASN A 164 -26.26 18.52 19.39
C ASN A 164 -26.30 18.63 20.91
N ARG A 165 -27.22 19.45 21.42
CA ARG A 165 -27.52 19.47 22.84
C ARG A 165 -29.04 19.49 23.06
N ASP A 166 -29.73 18.64 22.33
CA ASP A 166 -31.16 18.45 22.47
C ASP A 166 -31.38 17.17 23.22
N PRO A 167 -32.55 17.02 23.78
CA PRO A 167 -32.94 15.80 24.48
C PRO A 167 -33.46 14.72 23.52
N PRO A 168 -33.13 13.45 23.79
CA PRO A 168 -33.70 12.32 23.05
C PRO A 168 -35.22 12.34 23.15
N GLY A 169 -35.89 12.46 22.00
CA GLY A 169 -37.33 12.62 21.98
C GLY A 169 -37.74 14.02 21.54
N ASP A 170 -36.74 14.86 21.27
CA ASP A 170 -36.93 16.24 20.80
C ASP A 170 -36.76 16.29 19.28
N GLU A 171 -37.77 16.75 18.56
CA GLU A 171 -37.78 16.68 17.11
C GLU A 171 -37.13 17.85 16.40
N ARG A 172 -36.55 18.76 17.15
CA ARG A 172 -35.86 19.86 16.53
C ARG A 172 -34.48 19.38 16.14
N ASP A 173 -34.05 19.69 14.93
CA ASP A 173 -32.69 19.39 14.50
C ASP A 173 -32.50 17.95 14.13
N THR A 174 -33.55 17.31 13.65
CA THR A 174 -33.48 15.90 13.38
C THR A 174 -33.70 15.62 11.92
N THR A 175 -33.38 14.39 11.56
CA THR A 175 -33.56 13.90 10.21
C THR A 175 -33.78 12.41 10.38
N THR A 176 -33.85 11.70 9.26
CA THR A 176 -33.91 10.26 9.28
C THR A 176 -32.80 9.72 8.37
N PRO A 177 -32.40 8.46 8.55
CA PRO A 177 -31.50 7.84 7.57
C PRO A 177 -32.13 7.83 6.17
N HIS A 178 -33.41 7.47 6.09
CA HIS A 178 -34.13 7.56 4.83
C HIS A 178 -33.98 8.92 4.15
N ALA A 179 -34.27 10.00 4.88
CA ALA A 179 -34.38 11.33 4.30
C ALA A 179 -33.06 11.95 3.85
N ILE A 180 -32.03 11.75 4.67
CA ILE A 180 -30.69 12.25 4.38
C ILE A 180 -30.01 11.51 3.22
N ALA A 181 -30.29 10.20 3.09
CA ALA A 181 -29.73 9.38 2.01
C ALA A 181 -30.28 9.76 0.64
N LEU A 182 -31.60 9.92 0.53
CA LEU A 182 -32.18 10.50 -0.72
C LEU A 182 -31.66 11.90 -1.06
N VAL A 183 -31.45 12.75 -0.05
CA VAL A 183 -30.87 14.07 -0.27
C VAL A 183 -29.47 13.92 -0.83
N LEU A 184 -28.61 13.24 -0.07
CA LEU A 184 -27.21 13.04 -0.44
C LEU A 184 -27.11 12.42 -1.83
N GLN A 185 -27.99 11.47 -2.12
CA GLN A 185 -28.04 10.87 -3.45
C GLN A 185 -28.23 11.91 -4.57
N GLN A 186 -29.12 12.88 -4.37
CA GLN A 186 -29.34 13.91 -5.40
C GLN A 186 -28.17 14.87 -5.58
N LEU A 187 -27.53 15.21 -4.46
CA LEU A 187 -26.36 16.07 -4.44
C LEU A 187 -25.15 15.53 -5.21
N VAL A 188 -24.86 14.24 -4.97
CA VAL A 188 -23.64 13.62 -5.50
C VAL A 188 -23.87 12.78 -6.77
N LEU A 189 -24.92 11.98 -6.76
CA LEU A 189 -25.18 11.06 -7.87
C LEU A 189 -26.25 11.59 -8.84
N GLY A 190 -27.08 12.51 -8.37
CA GLY A 190 -28.19 13.01 -9.16
C GLY A 190 -27.89 14.35 -9.80
N ASN A 191 -28.95 15.11 -10.06
CA ASN A 191 -28.82 16.39 -10.77
C ASN A 191 -29.08 17.62 -9.89
N ALA A 192 -29.07 17.46 -8.57
CA ALA A 192 -29.40 18.60 -7.70
C ALA A 192 -28.53 19.82 -8.00
N LEU A 193 -27.25 19.58 -8.30
CA LEU A 193 -26.28 20.63 -8.56
C LEU A 193 -25.68 20.49 -9.96
N PRO A 194 -25.47 21.63 -10.66
CA PRO A 194 -24.77 21.63 -11.95
C PRO A 194 -23.43 20.91 -11.84
N PRO A 195 -22.94 20.33 -12.93
CA PRO A 195 -21.73 19.51 -12.77
C PRO A 195 -20.58 20.25 -12.08
N ASP A 196 -20.27 21.48 -12.48
CA ASP A 196 -19.19 22.24 -11.85
C ASP A 196 -19.29 22.26 -10.32
N LYS A 197 -20.47 22.61 -9.82
CA LYS A 197 -20.71 22.66 -8.38
C LYS A 197 -20.70 21.24 -7.81
N ARG A 198 -21.17 20.28 -8.60
CA ARG A 198 -21.26 18.89 -8.16
C ARG A 198 -19.89 18.32 -7.72
N ALA A 199 -18.85 18.67 -8.47
CA ALA A 199 -17.51 18.12 -8.24
C ALA A 199 -16.81 18.80 -7.07
N LEU A 200 -17.22 20.03 -6.79
CA LEU A 200 -16.75 20.75 -5.62
C LEU A 200 -17.18 20.04 -4.36
N LEU A 201 -18.48 19.86 -4.18
CA LEU A 201 -19.04 19.14 -3.06
C LEU A 201 -18.39 17.75 -2.91
N THR A 202 -18.39 17.00 -4.00
CA THR A 202 -17.93 15.62 -3.99
C THR A 202 -16.45 15.53 -3.60
N ASP A 203 -15.66 16.41 -4.17
CA ASP A 203 -14.24 16.45 -3.90
C ASP A 203 -13.96 16.80 -2.43
N TRP A 204 -14.77 17.68 -1.84
CA TRP A 204 -14.64 18.05 -0.43
C TRP A 204 -14.95 16.93 0.54
N MET A 205 -15.88 16.07 0.14
CA MET A 205 -16.25 14.94 0.98
C MET A 205 -15.25 13.81 0.82
N ALA A 206 -14.66 13.68 -0.36
CA ALA A 206 -13.67 12.64 -0.59
C ALA A 206 -12.41 12.87 0.25
N ARG A 207 -12.19 14.13 0.64
CA ARG A 207 -11.00 14.49 1.41
C ARG A 207 -11.34 14.84 2.87
N ASN A 208 -12.55 14.43 3.28
CA ASN A 208 -12.98 14.51 4.67
C ASN A 208 -11.97 13.82 5.58
N THR A 209 -11.65 14.44 6.71
CA THR A 209 -10.62 13.91 7.61
C THR A 209 -11.20 13.27 8.87
N THR A 210 -12.52 13.29 9.02
CA THR A 210 -13.18 12.88 10.27
C THR A 210 -13.87 11.49 10.29
N GLY A 211 -13.68 10.66 9.27
CA GLY A 211 -14.53 9.50 9.10
C GLY A 211 -13.82 8.16 8.94
N ALA A 212 -12.50 8.17 9.10
CA ALA A 212 -11.66 7.00 8.82
C ALA A 212 -12.07 5.78 9.62
N LYS A 213 -12.69 6.01 10.78
CA LYS A 213 -13.13 4.93 11.66
C LYS A 213 -14.62 4.63 11.53
N ARG A 214 -15.25 5.11 10.48
CA ARG A 214 -16.67 4.82 10.29
C ARG A 214 -16.95 4.08 8.99
N ILE A 215 -18.03 4.42 8.31
CA ILE A 215 -18.36 3.71 7.09
C ILE A 215 -17.12 3.28 6.32
N ARG A 216 -16.12 4.12 6.31
CA ARG A 216 -14.89 3.91 5.54
C ARG A 216 -14.07 2.75 6.09
N ALA A 217 -14.20 2.49 7.38
CA ALA A 217 -13.50 1.39 8.03
C ALA A 217 -14.21 0.06 7.81
N GLY A 218 -15.51 0.14 7.53
CA GLY A 218 -16.36 -1.02 7.41
C GLY A 218 -16.43 -1.56 5.99
N PHE A 219 -15.78 -0.88 5.06
CA PHE A 219 -15.82 -1.25 3.65
C PHE A 219 -14.40 -1.61 3.19
N PRO A 220 -14.28 -2.64 2.32
CA PRO A 220 -12.99 -2.97 1.72
C PRO A 220 -12.32 -1.74 1.10
N ALA A 221 -11.02 -1.66 1.26
CA ALA A 221 -10.22 -0.53 0.76
C ALA A 221 -10.41 -0.21 -0.73
N ASP A 222 -10.77 -1.21 -1.54
CA ASP A 222 -10.93 -1.04 -2.99
C ASP A 222 -12.31 -0.46 -3.38
N TRP A 223 -13.16 -0.24 -2.39
CA TRP A 223 -14.38 0.53 -2.58
C TRP A 223 -14.01 1.98 -2.33
N LYS A 224 -14.36 2.88 -3.25
CA LYS A 224 -14.15 4.30 -2.93
C LYS A 224 -15.24 4.79 -1.96
N VAL A 225 -14.85 5.62 -1.00
CA VAL A 225 -15.80 6.18 -0.05
C VAL A 225 -15.64 7.69 0.12
N ILE A 226 -16.75 8.41 -0.04
CA ILE A 226 -16.82 9.80 0.36
C ILE A 226 -17.91 9.85 1.43
N ASP A 227 -17.80 10.82 2.34
CA ASP A 227 -18.74 10.90 3.45
C ASP A 227 -18.65 12.22 4.23
N LYS A 228 -19.62 12.39 5.13
CA LYS A 228 -19.61 13.46 6.10
C LYS A 228 -20.16 12.87 7.39
N THR A 229 -19.45 13.08 8.50
CA THR A 229 -19.82 12.49 9.77
C THR A 229 -20.54 13.48 10.69
N GLY A 230 -21.18 12.92 11.72
CA GLY A 230 -21.79 13.71 12.77
C GLY A 230 -21.60 13.04 14.12
N THR A 231 -21.28 13.85 15.13
CA THR A 231 -21.09 13.37 16.50
C THR A 231 -21.79 14.33 17.48
N GLY A 232 -22.44 13.81 18.52
CA GLY A 232 -23.15 14.61 19.50
C GLY A 232 -23.29 13.91 20.84
N ASP A 233 -23.96 14.55 21.79
CA ASP A 233 -24.15 13.99 23.13
C ASP A 233 -25.14 12.82 23.10
N TYR A 234 -25.28 12.13 24.23
CA TYR A 234 -26.15 10.98 24.29
C TYR A 234 -25.60 9.84 23.40
N GLY A 235 -24.30 9.90 23.12
CA GLY A 235 -23.64 8.86 22.39
C GLY A 235 -24.07 8.87 20.95
N ARG A 236 -24.24 10.07 20.41
CA ARG A 236 -24.63 10.21 19.02
C ARG A 236 -23.41 10.06 18.12
N ALA A 237 -23.53 9.18 17.13
CA ALA A 237 -22.55 9.05 16.06
C ALA A 237 -23.27 8.76 14.73
N ASN A 238 -22.99 9.59 13.73
CA ASN A 238 -23.57 9.41 12.40
C ASN A 238 -22.49 9.34 11.33
N ASP A 239 -22.83 8.72 10.21
CA ASP A 239 -21.98 8.82 9.04
C ASP A 239 -22.86 8.66 7.81
N ILE A 240 -22.67 9.53 6.83
CA ILE A 240 -23.40 9.43 5.57
C ILE A 240 -22.39 9.43 4.45
N ALA A 241 -22.46 8.42 3.59
CA ALA A 241 -21.47 8.23 2.55
C ALA A 241 -22.09 7.88 1.21
N VAL A 242 -21.33 8.08 0.14
CA VAL A 242 -21.58 7.44 -1.15
C VAL A 242 -20.39 6.54 -1.41
N VAL A 243 -20.64 5.29 -1.75
CA VAL A 243 -19.55 4.35 -1.99
C VAL A 243 -19.51 3.91 -3.45
N TRP A 244 -18.33 3.54 -3.93
CA TRP A 244 -18.18 2.95 -5.24
C TRP A 244 -17.50 1.60 -5.12
N SER A 245 -18.16 0.59 -5.66
CA SER A 245 -17.59 -0.74 -5.72
C SER A 245 -16.28 -0.74 -6.52
N PRO A 246 -15.50 -1.83 -6.38
CA PRO A 246 -14.32 -1.92 -7.23
C PRO A 246 -14.66 -1.74 -8.70
N THR A 247 -15.90 -2.03 -9.11
CA THR A 247 -16.26 -1.91 -10.52
C THR A 247 -16.89 -0.56 -10.90
N GLY A 248 -17.21 0.25 -9.90
CA GLY A 248 -17.62 1.62 -10.14
C GLY A 248 -19.07 1.85 -9.83
N VAL A 249 -19.74 0.85 -9.27
CA VAL A 249 -21.15 0.98 -8.94
C VAL A 249 -21.35 1.76 -7.63
N PRO A 250 -22.07 2.89 -7.71
CA PRO A 250 -22.28 3.76 -6.55
C PRO A 250 -23.49 3.36 -5.73
N TYR A 251 -23.42 3.58 -4.43
CA TYR A 251 -24.54 3.38 -3.52
C TYR A 251 -24.44 4.48 -2.48
N VAL A 252 -25.58 4.81 -1.89
CA VAL A 252 -25.63 5.81 -0.84
C VAL A 252 -25.84 5.08 0.47
N VAL A 253 -25.00 5.35 1.48
CA VAL A 253 -25.12 4.63 2.76
C VAL A 253 -25.32 5.62 3.92
N ALA A 254 -26.44 5.52 4.62
CA ALA A 254 -26.68 6.38 5.77
C ALA A 254 -26.79 5.55 7.05
N VAL A 255 -25.92 5.86 8.00
CA VAL A 255 -25.83 5.10 9.25
C VAL A 255 -25.87 6.07 10.43
N MET A 256 -26.86 5.91 11.31
CA MET A 256 -27.03 6.82 12.44
C MET A 256 -27.27 6.08 13.74
N SER A 257 -26.72 6.58 14.84
CA SER A 257 -26.96 5.94 16.13
C SER A 257 -26.92 6.92 17.28
N ASP A 258 -27.70 6.61 18.31
CA ASP A 258 -27.53 7.26 19.59
C ASP A 258 -27.62 6.20 20.68
N ARG A 259 -27.19 6.55 21.89
CA ARG A 259 -27.26 5.65 23.04
C ARG A 259 -27.91 6.36 24.22
N ALA A 260 -29.21 6.65 24.11
CA ALA A 260 -29.90 7.53 25.07
C ALA A 260 -29.84 7.09 26.54
N GLY A 261 -29.82 5.77 26.77
CA GLY A 261 -29.77 5.22 28.12
C GLY A 261 -28.50 5.52 28.91
N GLY A 262 -27.43 5.90 28.20
CA GLY A 262 -26.20 6.35 28.84
C GLY A 262 -26.23 7.83 29.20
N GLY A 263 -27.33 8.51 28.85
CA GLY A 263 -27.51 9.91 29.16
C GLY A 263 -26.61 10.87 28.39
N TYR A 264 -26.68 12.15 28.78
CA TYR A 264 -25.91 13.21 28.15
C TYR A 264 -24.47 12.80 27.89
N ASP A 265 -23.82 12.22 28.89
CA ASP A 265 -22.37 12.01 28.82
C ASP A 265 -21.98 10.65 28.20
N ALA A 266 -22.98 9.93 27.67
CA ALA A 266 -22.78 8.63 27.02
C ALA A 266 -21.78 8.73 25.88
N GLU A 267 -21.03 7.67 25.66
CA GLU A 267 -19.93 7.78 24.70
C GLU A 267 -20.35 7.22 23.35
N PRO A 268 -20.02 7.94 22.26
CA PRO A 268 -20.35 7.48 20.90
C PRO A 268 -19.54 6.23 20.52
N ARG A 269 -20.22 5.19 20.06
CA ARG A 269 -19.51 3.99 19.63
C ARG A 269 -19.26 4.05 18.11
N GLU A 270 -18.07 4.48 17.71
CA GLU A 270 -17.65 4.47 16.31
C GLU A 270 -17.60 3.06 15.68
N ALA A 271 -17.33 2.04 16.50
CA ALA A 271 -17.24 0.68 15.99
C ALA A 271 -18.61 0.19 15.55
N LEU A 272 -19.67 0.77 16.10
CA LEU A 272 -21.04 0.42 15.67
C LEU A 272 -21.26 0.75 14.19
N LEU A 273 -20.89 1.96 13.80
CA LEU A 273 -21.02 2.45 12.44
C LEU A 273 -20.13 1.69 11.45
N ALA A 274 -18.97 1.25 11.93
CA ALA A 274 -18.01 0.52 11.10
C ALA A 274 -18.49 -0.89 10.82
N GLU A 275 -19.05 -1.52 11.84
CA GLU A 275 -19.61 -2.86 11.72
C GLU A 275 -20.85 -2.86 10.85
N ALA A 276 -21.79 -1.96 11.12
CA ALA A 276 -23.01 -1.88 10.32
C ALA A 276 -22.67 -1.67 8.84
N ALA A 277 -21.56 -0.96 8.60
CA ALA A 277 -21.09 -0.73 7.24
C ALA A 277 -20.55 -2.02 6.60
N THR A 278 -19.95 -2.88 7.41
CA THR A 278 -19.49 -4.16 6.94
C THR A 278 -20.70 -5.03 6.57
N CYS A 279 -21.73 -5.09 7.43
CA CYS A 279 -22.94 -5.83 7.05
C CYS A 279 -23.50 -5.34 5.71
N VAL A 280 -23.63 -4.02 5.59
CA VAL A 280 -24.03 -3.41 4.33
C VAL A 280 -23.14 -3.80 3.14
N ALA A 281 -21.83 -3.85 3.36
CA ALA A 281 -20.93 -4.13 2.24
C ALA A 281 -21.19 -5.55 1.74
N GLY A 282 -21.28 -6.50 2.66
CA GLY A 282 -21.48 -7.88 2.29
C GLY A 282 -22.74 -8.12 1.47
N VAL A 283 -23.75 -7.29 1.70
CA VAL A 283 -25.02 -7.43 1.00
C VAL A 283 -24.99 -6.78 -0.38
N LEU A 284 -24.15 -5.76 -0.53
CA LEU A 284 -23.98 -5.08 -1.80
C LEU A 284 -22.94 -5.80 -2.66
N ALA A 285 -22.17 -6.68 -2.03
CA ALA A 285 -20.98 -7.22 -2.69
C ALA A 285 -21.31 -8.21 -3.81
N ASP B 21 29.19 17.93 -5.07
CA ASP B 21 28.23 18.24 -6.12
C ASP B 21 26.76 18.09 -5.67
N LEU B 22 26.54 17.48 -4.50
CA LEU B 22 25.18 17.34 -3.98
C LEU B 22 24.59 18.73 -3.73
N ALA B 23 25.40 19.61 -3.16
CA ALA B 23 24.96 20.99 -2.93
C ALA B 23 24.49 21.66 -4.22
N ASP B 24 25.04 21.21 -5.34
CA ASP B 24 24.67 21.78 -6.63
C ASP B 24 23.27 21.35 -6.99
N ARG B 25 23.02 20.07 -6.76
CA ARG B 25 21.74 19.45 -7.09
C ARG B 25 20.66 19.86 -6.09
N PHE B 26 21.05 20.14 -4.85
CA PHE B 26 20.11 20.69 -3.89
C PHE B 26 19.67 22.09 -4.36
N ALA B 27 20.67 22.91 -4.68
CA ALA B 27 20.44 24.25 -5.19
C ALA B 27 19.54 24.20 -6.40
N GLU B 28 19.75 23.20 -7.23
CA GLU B 28 18.95 23.05 -8.43
C GLU B 28 17.49 22.67 -8.15
N LEU B 29 17.27 21.93 -7.07
CA LEU B 29 15.91 21.66 -6.62
C LEU B 29 15.25 22.95 -6.07
N GLU B 30 15.97 23.63 -5.19
CA GLU B 30 15.54 24.91 -4.66
C GLU B 30 15.03 25.78 -5.80
N ARG B 31 15.77 25.78 -6.92
CA ARG B 31 15.41 26.52 -8.12
C ARG B 31 14.11 26.03 -8.78
N ARG B 32 13.95 24.71 -8.95
CA ARG B 32 12.75 24.13 -9.56
C ARG B 32 11.46 24.26 -8.72
N TYR B 33 11.60 24.09 -7.40
CA TYR B 33 10.43 24.19 -6.52
C TYR B 33 10.26 25.51 -5.83
N ASP B 34 11.06 26.49 -6.23
CA ASP B 34 10.92 27.88 -5.75
C ASP B 34 10.82 27.88 -4.24
N ALA B 35 11.88 27.42 -3.58
CA ALA B 35 11.86 27.21 -2.14
C ALA B 35 13.26 27.21 -1.57
N ARG B 36 13.38 27.43 -0.26
CA ARG B 36 14.64 27.34 0.46
C ARG B 36 14.64 25.96 1.09
N LEU B 37 15.74 25.23 0.94
CA LEU B 37 15.80 23.84 1.37
C LEU B 37 16.92 23.65 2.38
N GLY B 38 16.65 22.85 3.41
CA GLY B 38 17.63 22.51 4.42
C GLY B 38 17.72 21.01 4.57
N VAL B 39 18.94 20.48 4.51
CA VAL B 39 19.14 19.04 4.72
C VAL B 39 20.30 18.78 5.67
N TYR B 40 20.13 17.86 6.59
CA TYR B 40 21.26 17.38 7.35
C TYR B 40 21.17 15.88 7.56
N VAL B 41 22.30 15.22 7.46
CA VAL B 41 22.38 13.81 7.75
C VAL B 41 23.58 13.54 8.60
N PRO B 42 23.40 13.36 9.88
CA PRO B 42 24.52 13.05 10.75
C PRO B 42 25.51 12.17 10.06
N ALA B 43 26.75 12.18 10.51
CA ALA B 43 27.77 11.32 9.96
C ALA B 43 27.79 10.04 10.73
N THR B 44 27.95 8.93 10.06
CA THR B 44 27.99 7.65 10.73
C THR B 44 29.42 7.33 11.04
N GLY B 45 29.76 6.05 10.95
CA GLY B 45 31.11 5.63 11.26
C GLY B 45 31.88 5.40 9.99
N THR B 46 31.15 5.04 8.95
CA THR B 46 31.77 4.87 7.63
C THR B 46 31.39 5.92 6.58
N THR B 47 30.55 6.88 6.93
CA THR B 47 30.15 7.95 5.98
C THR B 47 30.25 9.35 6.60
N ALA B 48 30.37 10.37 5.75
CA ALA B 48 30.48 11.75 6.20
C ALA B 48 29.11 12.42 6.39
N ALA B 49 29.07 13.52 7.13
CA ALA B 49 27.82 14.24 7.29
C ALA B 49 27.37 14.80 5.94
N ILE B 50 26.06 14.86 5.72
CA ILE B 50 25.51 15.57 4.57
C ILE B 50 24.80 16.79 5.09
N GLU B 51 25.14 17.97 4.57
CA GLU B 51 24.57 19.20 5.10
C GLU B 51 24.36 20.27 4.04
N TYR B 52 23.15 20.80 3.99
CA TYR B 52 22.80 21.86 3.05
C TYR B 52 21.91 22.86 3.76
N ARG B 53 22.49 23.98 4.19
CA ARG B 53 21.80 24.96 5.03
C ARG B 53 21.51 24.33 6.40
N ALA B 54 22.40 23.43 6.82
CA ALA B 54 22.19 22.62 8.02
C ALA B 54 22.10 23.45 9.27
N ASP B 55 22.64 24.67 9.21
CA ASP B 55 22.68 25.54 10.39
C ASP B 55 21.81 26.81 10.29
N GLU B 56 21.01 26.92 9.23
CA GLU B 56 20.04 27.99 9.08
C GLU B 56 18.75 27.63 9.77
N ARG B 57 18.08 28.66 10.29
CA ARG B 57 16.86 28.47 11.03
C ARG B 57 15.73 28.18 10.05
N PHE B 58 14.88 27.23 10.42
CA PHE B 58 13.63 26.94 9.71
C PHE B 58 12.56 26.80 10.78
N ALA B 59 11.30 27.02 10.42
CA ALA B 59 10.19 26.87 11.35
C ALA B 59 9.99 25.41 11.79
N PHE B 60 9.93 25.18 13.10
CA PHE B 60 9.73 23.85 13.71
C PHE B 60 8.51 23.16 13.17
N CYS B 61 7.38 23.83 13.31
CA CYS B 61 6.08 23.27 12.99
C CYS B 61 5.81 22.03 13.82
N SER B 62 4.99 21.11 13.36
CA SER B 62 4.63 20.00 14.23
C SER B 62 5.77 19.02 14.45
N THR B 63 6.93 19.22 13.83
CA THR B 63 8.05 18.26 14.03
C THR B 63 8.48 18.09 15.50
N PHE B 64 8.36 19.18 16.27
CA PHE B 64 8.64 19.15 17.71
C PHE B 64 7.82 18.08 18.46
N LYS B 65 6.70 17.64 17.89
CA LYS B 65 5.81 16.70 18.57
C LYS B 65 6.52 15.41 18.93
N ALA B 66 7.55 15.07 18.15
CA ALA B 66 8.35 13.86 18.41
C ALA B 66 9.25 13.92 19.68
N PRO B 67 10.19 14.88 19.75
CA PRO B 67 10.90 15.14 21.03
C PRO B 67 9.97 15.49 22.21
N LEU B 68 8.75 15.96 21.93
CA LEU B 68 7.76 16.23 22.97
C LEU B 68 7.29 14.97 23.66
N VAL B 69 7.02 13.95 22.86
CA VAL B 69 6.58 12.66 23.33
C VAL B 69 7.71 11.99 24.11
N ALA B 70 8.94 12.21 23.68
CA ALA B 70 10.09 11.62 24.37
C ALA B 70 10.22 12.23 25.75
N ALA B 71 9.99 13.53 25.82
CA ALA B 71 10.05 14.30 27.07
C ALA B 71 9.09 13.75 28.12
N VAL B 72 7.82 13.65 27.75
CA VAL B 72 6.81 13.05 28.62
C VAL B 72 7.19 11.62 29.02
N LEU B 73 7.73 10.85 28.08
CA LEU B 73 8.12 9.48 28.34
C LEU B 73 9.28 9.46 29.33
N HIS B 74 10.16 10.42 29.17
CA HIS B 74 11.38 10.45 29.96
C HIS B 74 11.14 10.73 31.46
N GLN B 75 10.20 11.59 31.80
CA GLN B 75 9.98 11.94 33.20
C GLN B 75 8.89 11.14 33.87
N ASN B 76 8.45 10.05 33.27
CA ASN B 76 7.38 9.29 33.88
C ASN B 76 7.56 7.80 33.73
N PRO B 77 7.19 7.05 34.78
CA PRO B 77 7.17 5.58 34.73
C PRO B 77 6.31 5.21 33.56
N LEU B 78 6.60 4.11 32.89
CA LEU B 78 5.78 3.68 31.74
C LEU B 78 4.30 3.86 32.05
N THR B 79 3.94 3.44 33.26
CA THR B 79 2.56 3.33 33.64
C THR B 79 1.80 4.69 33.73
N HIS B 80 2.56 5.77 33.65
CA HIS B 80 1.97 7.07 33.51
C HIS B 80 1.18 7.16 32.21
N LEU B 81 1.39 6.23 31.28
CA LEU B 81 0.68 6.29 30.01
C LEU B 81 -0.80 6.05 30.19
N ASP B 82 -1.15 5.31 31.24
CA ASP B 82 -2.54 4.97 31.51
C ASP B 82 -3.45 6.10 32.08
N LYS B 83 -2.89 7.22 32.45
CA LYS B 83 -3.72 8.26 33.03
C LYS B 83 -4.73 8.83 32.05
N LEU B 84 -5.99 8.96 32.47
CA LEU B 84 -6.99 9.67 31.68
C LEU B 84 -6.78 11.18 31.76
N ILE B 85 -7.12 11.88 30.68
CA ILE B 85 -6.97 13.34 30.62
C ILE B 85 -8.21 13.91 29.98
N THR B 86 -8.86 14.87 30.65
CA THR B 86 -10.06 15.48 30.09
C THR B 86 -9.82 16.90 29.61
N TYR B 87 -10.67 17.30 28.68
CA TYR B 87 -10.59 18.59 28.02
C TYR B 87 -11.99 18.92 27.55
N THR B 88 -12.14 20.01 26.78
CA THR B 88 -13.45 20.45 26.35
C THR B 88 -13.46 20.83 24.88
N SER B 89 -14.64 21.08 24.33
CA SER B 89 -14.79 21.54 22.96
C SER B 89 -13.82 22.68 22.64
N ASP B 90 -13.63 23.59 23.58
CA ASP B 90 -12.88 24.80 23.27
C ASP B 90 -11.39 24.70 23.62
N ASP B 91 -10.93 23.45 23.71
CA ASP B 91 -9.50 23.17 23.78
C ASP B 91 -8.97 22.85 22.38
N ILE B 92 -9.90 22.71 21.45
CA ILE B 92 -9.58 22.40 20.06
C ILE B 92 -9.51 23.69 19.26
N ARG B 93 -8.27 24.17 19.11
CA ARG B 93 -7.93 25.36 18.30
C ARG B 93 -7.27 25.00 16.99
N SER B 94 -6.75 23.79 16.92
CA SER B 94 -6.00 23.34 15.77
C SER B 94 -6.61 22.06 15.26
N ILE B 95 -6.21 21.69 14.05
CA ILE B 95 -6.54 20.40 13.50
C ILE B 95 -6.17 19.30 14.51
N SER B 96 -7.18 18.55 14.93
CA SER B 96 -7.06 17.54 15.97
C SER B 96 -7.86 16.28 15.59
N PRO B 97 -7.36 15.50 14.62
CA PRO B 97 -8.14 14.35 14.13
C PRO B 97 -8.69 13.42 15.24
N VAL B 98 -7.88 13.11 16.25
CA VAL B 98 -8.25 12.17 17.31
C VAL B 98 -8.99 12.81 18.52
N ALA B 99 -8.48 13.92 19.03
CA ALA B 99 -9.10 14.65 20.14
C ALA B 99 -10.52 15.13 19.82
N GLN B 100 -10.69 15.67 18.61
CA GLN B 100 -11.99 16.00 18.03
C GLN B 100 -13.05 14.97 18.45
N GLN B 101 -12.69 13.69 18.33
CA GLN B 101 -13.64 12.60 18.40
C GLN B 101 -13.66 11.90 19.78
N HIS B 102 -12.96 12.46 20.76
CA HIS B 102 -12.97 11.92 22.12
C HIS B 102 -13.23 12.97 23.21
N VAL B 103 -13.83 14.11 22.85
CA VAL B 103 -14.15 15.14 23.85
C VAL B 103 -15.11 14.58 24.90
N GLN B 104 -16.13 13.88 24.43
CA GLN B 104 -17.06 13.20 25.33
C GLN B 104 -16.27 12.35 26.33
N THR B 105 -15.44 11.43 25.83
CA THR B 105 -14.76 10.44 26.67
C THR B 105 -13.44 10.85 27.37
N GLY B 106 -12.64 11.73 26.76
CA GLY B 106 -11.32 12.03 27.31
C GLY B 106 -10.31 11.01 26.80
N MET B 107 -9.02 11.25 27.05
CA MET B 107 -7.96 10.39 26.47
C MET B 107 -6.78 10.13 27.42
N THR B 108 -6.26 8.91 27.40
CA THR B 108 -5.07 8.62 28.20
C THR B 108 -3.80 9.28 27.65
N ILE B 109 -2.78 9.40 28.50
CA ILE B 109 -1.49 9.95 28.10
C ILE B 109 -0.86 9.11 27.00
N GLY B 110 -1.14 7.80 27.03
CA GLY B 110 -0.65 6.91 26.00
C GLY B 110 -1.29 7.20 24.64
N GLN B 111 -2.61 7.44 24.65
CA GLN B 111 -3.36 7.71 23.41
C GLN B 111 -3.04 9.09 22.85
N LEU B 112 -2.66 10.01 23.73
CA LEU B 112 -2.27 11.35 23.32
C LEU B 112 -0.92 11.30 22.61
N CYS B 113 -0.01 10.47 23.08
CA CYS B 113 1.24 10.30 22.38
C CYS B 113 1.03 9.71 21.01
N ASP B 114 0.13 8.75 20.93
CA ASP B 114 -0.14 8.13 19.66
C ASP B 114 -0.70 9.15 18.69
N ALA B 115 -1.62 9.96 19.17
CA ALA B 115 -2.26 10.96 18.34
C ALA B 115 -1.33 12.03 17.86
N ALA B 116 -0.46 12.48 18.74
CA ALA B 116 0.46 13.57 18.43
C ALA B 116 1.49 13.20 17.36
N ILE B 117 1.85 11.93 17.32
CA ILE B 117 2.87 11.47 16.40
C ILE B 117 2.27 10.96 15.08
N ARG B 118 1.38 9.99 15.18
CA ARG B 118 0.76 9.40 14.00
C ARG B 118 -0.25 10.32 13.31
N TYR B 119 -0.96 11.15 14.05
CA TYR B 119 -1.92 12.04 13.40
C TYR B 119 -1.60 13.53 13.54
N SER B 120 -0.44 13.84 14.11
CA SER B 120 -0.02 15.23 14.24
C SER B 120 -1.07 16.08 15.00
N ASP B 121 -1.90 15.41 15.81
CA ASP B 121 -3.02 16.04 16.53
C ASP B 121 -2.56 17.20 17.43
N GLY B 122 -3.08 18.39 17.16
CA GLY B 122 -2.66 19.61 17.83
C GLY B 122 -3.06 19.76 19.29
N THR B 123 -4.32 19.44 19.61
CA THR B 123 -4.81 19.45 20.98
C THR B 123 -4.01 18.44 21.79
N ALA B 124 -3.83 17.26 21.22
CA ALA B 124 -3.02 16.20 21.82
C ALA B 124 -1.66 16.69 22.26
N ALA B 125 -1.05 17.56 21.46
CA ALA B 125 0.26 18.11 21.77
C ALA B 125 0.20 19.15 22.89
N ASN B 126 -0.84 19.96 22.91
CA ASN B 126 -1.04 20.94 23.98
C ASN B 126 -1.23 20.27 25.35
N LEU B 127 -2.03 19.22 25.39
CA LEU B 127 -2.25 18.42 26.60
C LEU B 127 -1.00 17.68 27.10
N LEU B 128 -0.09 17.35 26.19
CA LEU B 128 1.16 16.69 26.54
C LEU B 128 2.17 17.70 27.05
N LEU B 129 2.07 18.93 26.54
CA LEU B 129 2.85 20.04 27.03
C LEU B 129 2.42 20.38 28.45
N ALA B 130 1.12 20.54 28.65
CA ALA B 130 0.58 20.87 29.97
C ALA B 130 1.05 19.81 30.95
N ASP B 131 1.06 18.56 30.51
CA ASP B 131 1.44 17.43 31.36
C ASP B 131 2.91 17.48 31.78
N LEU B 132 3.71 18.25 31.07
CA LEU B 132 5.13 18.41 31.40
C LEU B 132 5.28 19.32 32.62
N GLY B 133 4.43 20.34 32.70
CA GLY B 133 4.44 21.27 33.81
C GLY B 133 5.02 22.65 33.52
N GLY B 134 4.68 23.60 34.39
CA GLY B 134 5.38 24.88 34.47
C GLY B 134 4.91 25.97 33.51
N PRO B 135 5.71 27.05 33.44
CA PRO B 135 5.50 28.23 32.57
C PRO B 135 5.40 27.88 31.08
N GLY B 136 4.68 28.74 30.35
CA GLY B 136 4.46 28.58 28.92
C GLY B 136 3.39 27.57 28.62
N GLY B 137 2.71 27.10 29.66
CA GLY B 137 1.79 26.00 29.55
C GLY B 137 2.54 24.68 29.44
N GLY B 138 3.84 24.74 29.74
CA GLY B 138 4.72 23.59 29.65
C GLY B 138 5.86 23.79 28.67
N THR B 139 5.76 24.80 27.80
CA THR B 139 6.79 25.04 26.77
C THR B 139 8.15 25.33 27.38
N ALA B 140 8.18 25.67 28.66
CA ALA B 140 9.43 25.94 29.34
C ALA B 140 10.17 24.65 29.70
N ALA B 141 9.42 23.65 30.18
CA ALA B 141 9.97 22.33 30.46
C ALA B 141 10.36 21.56 29.17
N PHE B 142 9.58 21.72 28.10
CA PHE B 142 9.97 21.10 26.84
C PHE B 142 11.32 21.64 26.42
N THR B 143 11.44 22.96 26.34
CA THR B 143 12.68 23.59 25.89
C THR B 143 13.86 23.21 26.79
N GLY B 144 13.58 22.94 28.05
CA GLY B 144 14.60 22.54 28.99
C GLY B 144 15.06 21.14 28.63
N TYR B 145 14.10 20.28 28.32
CA TYR B 145 14.40 18.92 27.85
C TYR B 145 15.27 18.92 26.59
N LEU B 146 15.00 19.79 25.64
CA LEU B 146 15.89 19.88 24.46
C LEU B 146 17.32 20.15 24.90
N ARG B 147 17.47 21.05 25.86
CA ARG B 147 18.78 21.37 26.41
C ARG B 147 19.43 20.15 27.07
N SER B 148 18.65 19.40 27.84
CA SER B 148 19.20 18.25 28.51
C SER B 148 19.77 17.26 27.47
N LEU B 149 19.30 17.39 26.23
CA LEU B 149 19.75 16.53 25.13
C LEU B 149 20.90 17.13 24.31
N GLY B 150 21.42 18.28 24.75
CA GLY B 150 22.54 18.92 24.09
C GLY B 150 22.12 19.92 23.03
N ASP B 151 20.82 20.15 22.93
CA ASP B 151 20.32 21.08 21.93
C ASP B 151 20.13 22.46 22.56
N THR B 152 21.01 23.39 22.18
CA THR B 152 20.98 24.75 22.69
C THR B 152 20.48 25.70 21.59
N VAL B 153 20.27 25.14 20.41
CA VAL B 153 19.89 25.92 19.23
C VAL B 153 18.37 26.09 19.08
N SER B 154 17.62 25.02 19.33
CA SER B 154 16.17 25.03 19.15
C SER B 154 15.49 26.00 20.11
N ARG B 155 14.30 26.47 19.76
CA ARG B 155 13.51 27.29 20.68
C ARG B 155 12.01 27.28 20.42
N LEU B 156 11.24 26.66 21.32
CA LEU B 156 9.77 26.62 21.24
C LEU B 156 9.13 27.61 22.21
N ASP B 157 8.46 28.63 21.67
CA ASP B 157 7.86 29.72 22.46
C ASP B 157 6.32 29.79 22.41
N PRO B 167 6.63 34.86 11.29
CA PRO B 167 7.20 35.42 10.06
C PRO B 167 8.61 34.90 9.81
N PRO B 168 9.05 34.85 8.55
CA PRO B 168 10.42 34.45 8.22
C PRO B 168 11.46 35.24 9.03
N GLY B 169 12.63 34.63 9.28
CA GLY B 169 13.70 35.29 10.02
C GLY B 169 13.32 35.62 11.46
N ASP B 170 12.23 35.02 11.92
CA ASP B 170 11.75 35.16 13.30
C ASP B 170 12.16 33.90 14.07
N GLU B 171 13.03 34.07 15.06
CA GLU B 171 13.63 32.95 15.78
C GLU B 171 12.63 32.08 16.58
N ARG B 172 11.41 32.57 16.79
CA ARG B 172 10.44 31.85 17.62
C ARG B 172 9.93 30.60 16.91
N ASP B 173 10.02 29.46 17.61
CA ASP B 173 9.60 28.16 17.08
C ASP B 173 10.40 27.81 15.84
N THR B 174 11.70 27.99 15.93
CA THR B 174 12.58 27.57 14.85
C THR B 174 13.64 26.63 15.40
N THR B 175 14.30 25.96 14.46
CA THR B 175 15.43 25.08 14.73
C THR B 175 16.22 24.99 13.43
N THR B 176 17.32 24.23 13.43
CA THR B 176 18.10 24.00 12.23
C THR B 176 17.98 22.54 11.81
N PRO B 177 18.26 22.21 10.54
CA PRO B 177 18.37 20.76 10.28
C PRO B 177 19.44 20.04 11.14
N HIS B 178 20.61 20.68 11.31
CA HIS B 178 21.67 20.14 12.17
C HIS B 178 21.17 19.83 13.61
N ALA B 179 20.37 20.73 14.17
CA ALA B 179 19.97 20.56 15.58
C ALA B 179 18.91 19.48 15.76
N ILE B 180 17.90 19.47 14.89
CA ILE B 180 16.79 18.55 15.01
C ILE B 180 17.25 17.11 14.73
N ALA B 181 18.17 16.96 13.78
CA ALA B 181 18.74 15.65 13.44
C ALA B 181 19.56 15.05 14.61
N LEU B 182 20.23 15.88 15.39
CA LEU B 182 21.02 15.36 16.50
C LEU B 182 20.12 14.92 17.66
N VAL B 183 19.03 15.64 17.89
CA VAL B 183 18.06 15.24 18.90
C VAL B 183 17.41 13.92 18.48
N LEU B 184 16.95 13.85 17.23
CA LEU B 184 16.26 12.65 16.75
C LEU B 184 17.17 11.44 16.77
N GLN B 185 18.45 11.66 16.49
CA GLN B 185 19.41 10.57 16.50
C GLN B 185 19.47 9.95 17.89
N GLN B 186 19.58 10.80 18.90
CA GLN B 186 19.65 10.34 20.29
C GLN B 186 18.40 9.62 20.79
N LEU B 187 17.23 10.11 20.40
CA LEU B 187 15.97 9.54 20.83
C LEU B 187 15.79 8.09 20.32
N VAL B 188 16.16 7.86 19.07
CA VAL B 188 15.84 6.62 18.38
C VAL B 188 17.05 5.67 18.28
N LEU B 189 18.22 6.24 18.05
CA LEU B 189 19.43 5.42 17.84
C LEU B 189 20.36 5.48 19.05
N GLY B 190 20.17 6.51 19.87
CA GLY B 190 21.02 6.72 21.02
C GLY B 190 20.39 6.14 22.26
N ASN B 191 20.69 6.78 23.39
CA ASN B 191 20.25 6.29 24.70
C ASN B 191 19.67 7.41 25.57
N ALA B 192 18.97 8.35 24.94
CA ALA B 192 18.22 9.35 25.68
C ALA B 192 17.07 8.68 26.45
N LEU B 193 16.68 7.49 26.00
CA LEU B 193 15.56 6.73 26.59
C LEU B 193 15.87 5.23 26.74
N PRO B 194 15.31 4.58 27.78
CA PRO B 194 15.42 3.14 28.00
C PRO B 194 14.90 2.38 26.79
N PRO B 195 15.37 1.15 26.61
CA PRO B 195 14.91 0.31 25.49
C PRO B 195 13.39 0.30 25.34
N ASP B 196 12.65 0.13 26.44
CA ASP B 196 11.19 0.00 26.37
C ASP B 196 10.43 1.30 26.03
N LYS B 197 10.99 2.44 26.44
CA LYS B 197 10.46 3.74 26.07
C LYS B 197 10.83 4.10 24.63
N ARG B 198 12.07 3.78 24.25
CA ARG B 198 12.55 4.02 22.89
C ARG B 198 11.70 3.29 21.87
N ALA B 199 11.17 2.12 22.25
CA ALA B 199 10.46 1.25 21.33
C ALA B 199 9.01 1.69 21.12
N LEU B 200 8.46 2.37 22.12
CA LEU B 200 7.16 2.99 21.93
C LEU B 200 7.31 4.14 20.94
N LEU B 201 8.25 5.03 21.22
CA LEU B 201 8.47 6.19 20.38
C LEU B 201 8.69 5.75 18.92
N THR B 202 9.70 4.89 18.73
CA THR B 202 10.01 4.36 17.41
C THR B 202 8.78 3.77 16.73
N ASP B 203 7.95 3.08 17.52
CA ASP B 203 6.79 2.38 16.98
C ASP B 203 5.70 3.32 16.49
N TRP B 204 5.44 4.36 17.27
CA TRP B 204 4.47 5.38 16.90
C TRP B 204 4.92 6.12 15.66
N MET B 205 6.22 6.39 15.57
CA MET B 205 6.76 7.01 14.38
C MET B 205 6.68 6.07 13.18
N ALA B 206 7.04 4.79 13.37
CA ALA B 206 7.00 3.80 12.30
C ALA B 206 5.58 3.66 11.73
N ARG B 207 4.59 3.93 12.58
CA ARG B 207 3.21 3.80 12.17
C ARG B 207 2.56 5.16 11.89
N ASN B 208 3.39 6.17 11.61
CA ASN B 208 2.92 7.52 11.28
C ASN B 208 2.09 7.58 9.98
N THR B 209 0.96 8.26 10.03
CA THR B 209 0.05 8.33 8.87
C THR B 209 0.17 9.62 8.04
N THR B 210 1.23 10.41 8.24
CA THR B 210 1.30 11.72 7.60
C THR B 210 2.44 12.00 6.57
N GLY B 211 3.43 11.11 6.46
CA GLY B 211 4.66 11.45 5.76
C GLY B 211 5.02 10.60 4.56
N ALA B 212 4.01 9.96 3.97
CA ALA B 212 4.17 9.03 2.84
C ALA B 212 4.74 9.69 1.59
N LYS B 213 4.47 10.97 1.42
CA LYS B 213 4.86 11.67 0.20
C LYS B 213 6.12 12.51 0.40
N ARG B 214 6.83 12.22 1.46
CA ARG B 214 8.05 12.93 1.74
C ARG B 214 9.21 11.97 1.79
N ILE B 215 10.01 12.08 2.81
CA ILE B 215 11.17 11.21 2.91
C ILE B 215 10.83 9.77 2.48
N ARG B 216 9.72 9.23 2.94
CA ARG B 216 9.34 7.87 2.57
C ARG B 216 9.22 7.69 1.05
N ALA B 217 8.71 8.69 0.34
CA ALA B 217 8.48 8.59 -1.11
C ALA B 217 9.77 8.62 -1.93
N GLY B 218 10.82 9.15 -1.32
CA GLY B 218 12.06 9.34 -2.01
C GLY B 218 13.10 8.27 -1.71
N PHE B 219 12.78 7.37 -0.80
CA PHE B 219 13.66 6.22 -0.57
C PHE B 219 13.06 5.00 -1.26
N PRO B 220 13.91 4.04 -1.66
CA PRO B 220 13.35 2.81 -2.23
C PRO B 220 12.58 2.09 -1.13
N ALA B 221 11.65 1.21 -1.47
CA ALA B 221 10.72 0.63 -0.46
C ALA B 221 11.38 -0.34 0.54
N ASP B 222 12.50 -0.94 0.17
CA ASP B 222 13.19 -1.85 1.09
C ASP B 222 14.04 -1.16 2.16
N TRP B 223 14.09 0.17 2.12
CA TRP B 223 14.68 0.94 3.21
C TRP B 223 13.56 1.17 4.18
N LYS B 224 13.77 0.81 5.44
CA LYS B 224 12.78 1.15 6.44
C LYS B 224 12.87 2.66 6.66
N VAL B 225 11.72 3.29 6.88
CA VAL B 225 11.65 4.73 7.09
C VAL B 225 10.64 5.02 8.17
N ILE B 226 11.10 5.49 9.33
CA ILE B 226 10.20 6.09 10.31
C ILE B 226 10.40 7.60 10.23
N ASP B 227 9.38 8.36 10.62
CA ASP B 227 9.40 9.81 10.41
C ASP B 227 8.36 10.56 11.24
N LYS B 228 8.64 11.84 11.49
CA LYS B 228 7.63 12.79 11.95
C LYS B 228 7.67 14.06 11.07
N THR B 229 6.52 14.48 10.56
CA THR B 229 6.43 15.60 9.63
C THR B 229 6.04 16.94 10.28
N GLY B 230 6.08 18.00 9.48
CA GLY B 230 5.70 19.33 9.94
C GLY B 230 5.30 20.19 8.76
N THR B 231 4.14 20.82 8.84
CA THR B 231 3.66 21.66 7.75
C THR B 231 3.01 22.97 8.25
N GLY B 232 3.30 24.06 7.55
CA GLY B 232 2.78 25.37 7.93
C GLY B 232 2.47 26.29 6.76
N ASP B 233 2.37 27.58 7.06
CA ASP B 233 2.11 28.62 6.08
C ASP B 233 3.42 29.06 5.43
N TYR B 234 3.33 29.93 4.43
CA TYR B 234 4.52 30.38 3.74
C TYR B 234 5.17 29.16 3.14
N GLY B 235 4.35 28.22 2.67
CA GLY B 235 4.80 27.02 2.02
C GLY B 235 5.72 26.12 2.82
N ARG B 236 5.57 26.13 4.15
CA ARG B 236 6.40 25.25 4.98
C ARG B 236 6.08 23.75 4.82
N ALA B 237 7.14 22.94 4.80
CA ALA B 237 7.04 21.49 4.72
C ALA B 237 8.33 20.88 5.27
N ASN B 238 8.24 20.21 6.42
CA ASN B 238 9.39 19.51 6.99
C ASN B 238 9.18 18.00 7.08
N ASP B 239 10.27 17.31 7.36
CA ASP B 239 10.20 15.89 7.60
C ASP B 239 11.50 15.44 8.20
N ILE B 240 11.40 14.81 9.36
CA ILE B 240 12.57 14.26 10.01
C ILE B 240 12.36 12.76 10.12
N ALA B 241 13.39 12.00 9.74
CA ALA B 241 13.24 10.57 9.65
C ALA B 241 14.47 9.83 10.13
N VAL B 242 14.26 8.56 10.50
CA VAL B 242 15.33 7.61 10.67
C VAL B 242 15.12 6.49 9.64
N VAL B 243 16.13 6.24 8.81
CA VAL B 243 16.04 5.21 7.78
C VAL B 243 17.03 4.08 8.02
N TRP B 244 16.64 2.90 7.55
CA TRP B 244 17.49 1.75 7.59
C TRP B 244 17.73 1.24 6.16
N SER B 245 18.98 0.94 5.84
CA SER B 245 19.34 0.36 4.56
C SER B 245 18.66 -1.01 4.48
N PRO B 246 18.71 -1.67 3.31
CA PRO B 246 18.16 -3.04 3.29
C PRO B 246 18.93 -3.97 4.23
N THR B 247 20.16 -3.63 4.55
CA THR B 247 20.98 -4.47 5.42
C THR B 247 20.90 -4.09 6.86
N GLY B 248 20.08 -3.11 7.18
CA GLY B 248 19.88 -2.65 8.53
C GLY B 248 20.77 -1.51 9.02
N VAL B 249 21.43 -0.80 8.11
CA VAL B 249 22.29 0.32 8.51
C VAL B 249 21.47 1.60 8.70
N PRO B 250 21.63 2.30 9.84
CA PRO B 250 20.68 3.38 10.13
C PRO B 250 21.26 4.76 9.84
N TYR B 251 20.41 5.68 9.39
CA TYR B 251 20.79 7.07 9.19
C TYR B 251 19.64 7.98 9.61
N VAL B 252 19.98 9.20 10.02
CA VAL B 252 19.00 10.20 10.39
C VAL B 252 18.91 11.23 9.25
N VAL B 253 17.70 11.47 8.75
CA VAL B 253 17.51 12.44 7.66
C VAL B 253 16.55 13.59 8.02
N ALA B 254 17.10 14.78 8.26
CA ALA B 254 16.30 15.99 8.48
C ALA B 254 16.18 16.78 7.18
N VAL B 255 14.94 17.09 6.80
CA VAL B 255 14.70 17.90 5.63
C VAL B 255 13.69 19.00 5.96
N MET B 256 14.10 20.25 5.88
CA MET B 256 13.17 21.35 6.12
C MET B 256 13.11 22.22 4.89
N SER B 257 11.98 22.88 4.68
CA SER B 257 11.84 23.74 3.52
C SER B 257 10.83 24.83 3.81
N ASP B 258 10.91 25.92 3.07
CA ASP B 258 9.77 26.85 3.02
C ASP B 258 9.79 27.60 1.70
N ARG B 259 8.69 28.26 1.42
CA ARG B 259 8.54 29.08 0.23
C ARG B 259 8.05 30.43 0.70
N ALA B 260 8.75 31.00 1.68
CA ALA B 260 8.25 32.18 2.38
C ALA B 260 8.07 33.34 1.41
N GLY B 261 8.95 33.42 0.41
CA GLY B 261 8.84 34.40 -0.64
C GLY B 261 7.48 34.57 -1.30
N GLY B 262 6.68 33.51 -1.37
CA GLY B 262 5.37 33.52 -1.99
C GLY B 262 4.20 33.92 -1.08
N GLY B 263 4.53 34.41 0.10
CA GLY B 263 3.49 34.84 1.01
C GLY B 263 3.01 33.79 2.00
N TYR B 264 2.21 34.26 2.94
CA TYR B 264 1.58 33.45 3.96
C TYR B 264 0.86 32.26 3.35
N ASP B 265 0.29 32.46 2.17
CA ASP B 265 -0.52 31.43 1.53
C ASP B 265 0.21 30.59 0.48
N ALA B 266 1.54 30.63 0.46
CA ALA B 266 2.30 29.77 -0.43
C ALA B 266 2.01 28.29 -0.10
N GLU B 267 1.84 27.44 -1.12
CA GLU B 267 1.62 26.02 -0.91
C GLU B 267 2.88 25.26 -0.63
N PRO B 268 2.89 24.38 0.35
CA PRO B 268 4.08 23.54 0.47
C PRO B 268 4.31 22.72 -0.81
N ARG B 269 5.57 22.41 -1.14
CA ARG B 269 5.87 21.43 -2.19
C ARG B 269 6.42 20.14 -1.57
N GLU B 270 5.61 19.10 -1.53
CA GLU B 270 6.07 17.85 -0.96
C GLU B 270 7.10 17.18 -1.86
N ALA B 271 6.95 17.34 -3.18
CA ALA B 271 7.90 16.71 -4.11
C ALA B 271 9.31 17.15 -3.82
N LEU B 272 9.46 18.37 -3.30
CA LEU B 272 10.77 18.90 -2.89
C LEU B 272 11.48 17.96 -1.92
N LEU B 273 10.78 17.58 -0.85
CA LEU B 273 11.30 16.71 0.21
C LEU B 273 11.57 15.27 -0.27
N ALA B 274 10.71 14.76 -1.15
CA ALA B 274 10.86 13.42 -1.71
C ALA B 274 12.12 13.33 -2.56
N GLU B 275 12.27 14.30 -3.46
CA GLU B 275 13.40 14.37 -4.36
C GLU B 275 14.70 14.54 -3.59
N ALA B 276 14.72 15.48 -2.65
CA ALA B 276 15.92 15.68 -1.86
C ALA B 276 16.27 14.35 -1.22
N ALA B 277 15.25 13.66 -0.72
CA ALA B 277 15.42 12.31 -0.19
C ALA B 277 16.00 11.33 -1.21
N THR B 278 15.49 11.33 -2.45
CA THR B 278 16.08 10.47 -3.47
C THR B 278 17.57 10.82 -3.67
N CYS B 279 17.91 12.13 -3.70
CA CYS B 279 19.32 12.52 -3.79
C CYS B 279 20.14 11.96 -2.62
N VAL B 280 19.61 12.12 -1.41
CA VAL B 280 20.27 11.61 -0.20
C VAL B 280 20.45 10.10 -0.25
N ALA B 281 19.40 9.38 -0.63
CA ALA B 281 19.44 7.93 -0.80
C ALA B 281 20.56 7.57 -1.77
N GLY B 282 20.59 8.29 -2.89
CA GLY B 282 21.62 8.11 -3.89
C GLY B 282 23.00 8.07 -3.28
N VAL B 283 23.33 9.12 -2.54
CA VAL B 283 24.64 9.28 -1.91
C VAL B 283 24.93 8.22 -0.85
N LEU B 284 23.88 7.64 -0.29
CA LEU B 284 24.02 6.73 0.84
C LEU B 284 24.10 5.29 0.37
N ALA B 285 23.46 5.00 -0.76
CA ALA B 285 23.37 3.64 -1.30
C ALA B 285 24.66 2.83 -1.22
N ASP C 21 -30.08 -16.69 3.04
CA ASP C 21 -29.88 -15.78 1.94
C ASP C 21 -28.42 -15.72 1.55
N LEU C 22 -27.54 -16.14 2.43
CA LEU C 22 -26.14 -16.12 2.08
C LEU C 22 -25.91 -17.05 0.93
N ALA C 23 -26.53 -18.22 0.99
CA ALA C 23 -26.37 -19.19 -0.04
C ALA C 23 -26.90 -18.59 -1.32
N ASP C 24 -27.99 -17.85 -1.20
CA ASP C 24 -28.53 -17.23 -2.38
C ASP C 24 -27.51 -16.29 -2.94
N ARG C 25 -26.86 -15.55 -2.06
CA ARG C 25 -25.89 -14.59 -2.50
C ARG C 25 -24.75 -15.29 -3.20
N PHE C 26 -24.28 -16.38 -2.64
CA PHE C 26 -23.14 -17.02 -3.22
C PHE C 26 -23.53 -17.47 -4.60
N ALA C 27 -24.74 -17.99 -4.71
CA ALA C 27 -25.22 -18.52 -5.96
C ALA C 27 -25.24 -17.41 -6.98
N GLU C 28 -25.60 -16.22 -6.57
CA GLU C 28 -25.65 -15.13 -7.52
C GLU C 28 -24.28 -14.91 -8.08
N LEU C 29 -23.28 -15.03 -7.23
CA LEU C 29 -21.90 -14.84 -7.59
C LEU C 29 -21.43 -15.85 -8.60
N GLU C 30 -21.89 -17.07 -8.44
CA GLU C 30 -21.54 -18.14 -9.34
C GLU C 30 -22.05 -17.84 -10.74
N ARG C 31 -23.26 -17.32 -10.81
CA ARG C 31 -23.86 -16.92 -12.07
C ARG C 31 -23.17 -15.77 -12.74
N ARG C 32 -22.75 -14.80 -11.97
CA ARG C 32 -22.09 -13.59 -12.49
C ARG C 32 -20.70 -13.92 -12.99
N TYR C 33 -20.02 -14.83 -12.30
CA TYR C 33 -18.64 -15.14 -12.65
C TYR C 33 -18.45 -16.46 -13.39
N ASP C 34 -19.51 -17.24 -13.54
CA ASP C 34 -19.44 -18.43 -14.38
C ASP C 34 -18.45 -19.39 -13.72
N ALA C 35 -18.69 -19.71 -12.46
CA ALA C 35 -17.68 -20.36 -11.65
C ALA C 35 -18.37 -21.21 -10.62
N ARG C 36 -17.76 -22.32 -10.23
CA ARG C 36 -18.24 -23.04 -9.07
C ARG C 36 -17.54 -22.40 -7.87
N LEU C 37 -18.29 -22.04 -6.84
CA LEU C 37 -17.71 -21.46 -5.61
C LEU C 37 -17.91 -22.38 -4.40
N GLY C 38 -16.84 -22.55 -3.63
CA GLY C 38 -16.89 -23.31 -2.39
C GLY C 38 -16.36 -22.48 -1.22
N VAL C 39 -17.18 -22.33 -0.18
CA VAL C 39 -16.78 -21.54 0.98
C VAL C 39 -16.90 -22.34 2.28
N TYR C 40 -15.84 -22.32 3.09
CA TYR C 40 -15.92 -22.76 4.48
C TYR C 40 -15.32 -21.81 5.52
N VAL C 41 -16.07 -21.59 6.59
CA VAL C 41 -15.59 -20.85 7.74
C VAL C 41 -15.96 -21.67 8.98
N PRO C 42 -14.94 -22.23 9.68
CA PRO C 42 -15.14 -23.04 10.90
C PRO C 42 -15.94 -22.27 11.94
N ALA C 43 -16.82 -22.97 12.65
CA ALA C 43 -17.57 -22.38 13.74
C ALA C 43 -16.67 -21.98 14.91
N THR C 44 -17.16 -21.04 15.71
CA THR C 44 -16.44 -20.49 16.85
C THR C 44 -17.44 -20.44 18.00
N GLY C 45 -16.95 -20.16 19.20
CA GLY C 45 -17.80 -20.16 20.38
C GLY C 45 -19.01 -19.23 20.31
N THR C 46 -19.03 -18.27 19.40
CA THR C 46 -20.18 -17.36 19.29
C THR C 46 -20.87 -17.33 17.91
N THR C 47 -20.26 -17.94 16.90
CA THR C 47 -20.78 -17.90 15.53
C THR C 47 -20.91 -19.29 14.91
N ALA C 48 -21.95 -19.49 14.09
CA ALA C 48 -22.09 -20.76 13.37
C ALA C 48 -21.02 -20.95 12.27
N ALA C 49 -20.89 -22.17 11.79
CA ALA C 49 -20.00 -22.43 10.68
C ALA C 49 -20.68 -21.91 9.42
N ILE C 50 -19.90 -21.27 8.54
CA ILE C 50 -20.42 -20.84 7.25
C ILE C 50 -19.98 -21.86 6.23
N GLU C 51 -20.87 -22.27 5.33
CA GLU C 51 -20.53 -23.32 4.39
C GLU C 51 -21.35 -23.32 3.11
N TYR C 52 -20.66 -23.17 1.97
CA TYR C 52 -21.26 -23.25 0.66
C TYR C 52 -20.46 -24.27 -0.14
N ARG C 53 -21.05 -25.42 -0.44
CA ARG C 53 -20.31 -26.45 -1.16
C ARG C 53 -19.05 -26.81 -0.39
N ALA C 54 -19.16 -26.81 0.94
CA ALA C 54 -18.01 -26.95 1.82
C ALA C 54 -17.44 -28.34 1.72
N ASP C 55 -18.24 -29.25 1.16
CA ASP C 55 -17.85 -30.68 1.07
C ASP C 55 -17.67 -31.24 -0.35
N GLU C 56 -17.76 -30.40 -1.38
CA GLU C 56 -17.51 -30.83 -2.74
C GLU C 56 -16.01 -30.71 -2.95
N ARG C 57 -15.47 -31.49 -3.89
CA ARG C 57 -14.05 -31.43 -4.14
C ARG C 57 -13.70 -30.30 -5.10
N PHE C 58 -12.55 -29.68 -4.87
CA PHE C 58 -12.04 -28.65 -5.73
C PHE C 58 -10.59 -29.02 -5.81
N ALA C 59 -9.92 -28.57 -6.86
CA ALA C 59 -8.52 -28.90 -7.03
C ALA C 59 -7.63 -28.16 -6.08
N PHE C 60 -6.76 -28.91 -5.42
CA PHE C 60 -5.86 -28.39 -4.43
C PHE C 60 -5.09 -27.18 -4.93
N CYS C 61 -4.25 -27.40 -5.92
CA CYS C 61 -3.38 -26.35 -6.42
C CYS C 61 -2.25 -26.14 -5.46
N SER C 62 -1.75 -24.93 -5.33
CA SER C 62 -0.61 -24.68 -4.46
C SER C 62 -1.06 -24.37 -3.06
N THR C 63 -2.36 -24.44 -2.83
CA THR C 63 -2.89 -24.15 -1.52
C THR C 63 -2.20 -24.98 -0.45
N PHE C 64 -1.67 -26.13 -0.84
CA PHE C 64 -1.09 -27.08 0.11
C PHE C 64 0.25 -26.67 0.65
N LYS C 65 0.96 -25.87 -0.11
CA LYS C 65 2.29 -25.45 0.28
C LYS C 65 2.32 -25.02 1.72
N ALA C 66 1.18 -24.60 2.24
CA ALA C 66 1.15 -24.18 3.61
C ALA C 66 1.39 -25.35 4.53
N PRO C 67 0.53 -26.34 4.45
CA PRO C 67 0.59 -27.49 5.33
C PRO C 67 1.81 -28.30 5.05
N LEU C 68 2.18 -28.33 3.79
CA LEU C 68 3.45 -28.93 3.39
C LEU C 68 4.61 -28.40 4.24
N VAL C 69 4.70 -27.07 4.37
CA VAL C 69 5.70 -26.46 5.21
C VAL C 69 5.46 -26.89 6.65
N ALA C 70 4.20 -26.98 7.07
CA ALA C 70 3.89 -27.40 8.42
C ALA C 70 4.38 -28.82 8.66
N ALA C 71 4.21 -29.68 7.67
CA ALA C 71 4.71 -31.04 7.70
C ALA C 71 6.20 -31.10 8.04
N VAL C 72 7.00 -30.38 7.28
CA VAL C 72 8.45 -30.38 7.46
C VAL C 72 8.85 -29.86 8.83
N LEU C 73 8.28 -28.72 9.23
CA LEU C 73 8.50 -28.14 10.53
C LEU C 73 8.28 -29.17 11.63
N HIS C 74 7.25 -29.96 11.43
CA HIS C 74 6.88 -30.98 12.36
C HIS C 74 7.84 -32.10 12.49
N GLN C 75 8.33 -32.59 11.37
CA GLN C 75 9.19 -33.75 11.34
C GLN C 75 10.54 -33.57 12.02
N ASN C 76 11.14 -32.40 11.89
CA ASN C 76 12.50 -32.21 12.36
C ASN C 76 12.66 -31.15 13.41
N PRO C 77 13.84 -31.11 14.02
CA PRO C 77 14.16 -30.08 15.02
C PRO C 77 14.38 -28.75 14.31
N LEU C 78 14.14 -27.64 15.00
CA LEU C 78 14.41 -26.32 14.45
C LEU C 78 15.75 -26.22 13.70
N THR C 79 16.76 -26.99 14.11
CA THR C 79 18.04 -26.92 13.43
C THR C 79 17.94 -27.28 11.94
N HIS C 80 17.06 -28.21 11.63
CA HIS C 80 16.92 -28.74 10.31
C HIS C 80 16.65 -27.72 9.24
N LEU C 81 16.37 -26.49 9.65
CA LEU C 81 16.03 -25.43 8.71
C LEU C 81 17.25 -24.83 8.04
N ASP C 82 18.42 -24.99 8.67
CA ASP C 82 19.66 -24.43 8.17
C ASP C 82 20.42 -25.37 7.23
N LYS C 83 19.75 -26.40 6.75
CA LYS C 83 20.42 -27.35 5.89
C LYS C 83 20.35 -26.90 4.44
N LEU C 84 21.50 -26.86 3.75
CA LEU C 84 21.55 -26.46 2.35
C LEU C 84 21.10 -27.61 1.45
N ILE C 85 20.29 -27.30 0.44
CA ILE C 85 19.86 -28.27 -0.57
C ILE C 85 20.34 -27.75 -1.92
N THR C 86 20.88 -28.65 -2.75
CA THR C 86 21.35 -28.27 -4.07
C THR C 86 20.49 -28.88 -5.15
N TYR C 87 20.22 -28.12 -6.20
CA TYR C 87 19.39 -28.57 -7.29
C TYR C 87 20.02 -28.24 -8.64
N THR C 88 19.27 -28.40 -9.71
CA THR C 88 19.78 -28.16 -11.05
C THR C 88 18.71 -27.48 -11.89
N SER C 89 19.14 -26.83 -12.97
CA SER C 89 18.23 -26.12 -13.85
C SER C 89 17.03 -26.97 -14.28
N ASP C 90 17.25 -28.28 -14.40
CA ASP C 90 16.19 -29.18 -14.85
C ASP C 90 15.19 -29.51 -13.74
N ASP C 91 15.55 -29.20 -12.50
CA ASP C 91 14.64 -29.36 -11.35
C ASP C 91 13.57 -28.29 -11.36
N ILE C 92 13.70 -27.36 -12.31
CA ILE C 92 12.79 -26.25 -12.41
C ILE C 92 11.78 -26.51 -13.51
N ARG C 93 10.69 -27.16 -13.11
CA ARG C 93 9.57 -27.49 -13.98
C ARG C 93 8.47 -26.46 -13.99
N SER C 94 8.47 -25.59 -12.97
CA SER C 94 7.33 -24.70 -12.74
C SER C 94 7.78 -23.32 -12.29
N ILE C 95 6.83 -22.40 -12.28
CA ILE C 95 7.10 -21.04 -11.84
C ILE C 95 7.71 -21.15 -10.44
N SER C 96 8.96 -20.75 -10.34
CA SER C 96 9.70 -20.75 -9.08
C SER C 96 10.44 -19.42 -8.91
N PRO C 97 9.71 -18.34 -8.56
CA PRO C 97 10.31 -17.01 -8.51
C PRO C 97 11.68 -16.99 -7.80
N VAL C 98 11.75 -17.54 -6.58
CA VAL C 98 12.99 -17.50 -5.81
C VAL C 98 14.06 -18.50 -6.28
N ALA C 99 13.65 -19.74 -6.56
CA ALA C 99 14.59 -20.78 -6.97
C ALA C 99 15.27 -20.50 -8.32
N GLN C 100 14.54 -19.85 -9.23
CA GLN C 100 15.11 -19.38 -10.50
C GLN C 100 16.48 -18.83 -10.21
N GLN C 101 16.55 -18.05 -9.13
CA GLN C 101 17.69 -17.19 -8.83
C GLN C 101 18.77 -17.80 -7.96
N HIS C 102 18.63 -19.06 -7.57
CA HIS C 102 19.59 -19.61 -6.62
C HIS C 102 20.19 -20.92 -7.05
N VAL C 103 19.93 -21.37 -8.27
CA VAL C 103 20.41 -22.69 -8.70
C VAL C 103 21.88 -22.85 -8.40
N GLN C 104 22.62 -21.76 -8.58
CA GLN C 104 24.07 -21.74 -8.40
C GLN C 104 24.43 -22.01 -6.94
N THR C 105 23.69 -21.39 -6.03
CA THR C 105 24.03 -21.41 -4.61
C THR C 105 23.23 -22.44 -3.81
N GLY C 106 22.11 -22.90 -4.38
CA GLY C 106 21.16 -23.70 -3.63
C GLY C 106 20.57 -22.88 -2.50
N MET C 107 19.63 -23.46 -1.75
CA MET C 107 18.98 -22.76 -0.65
C MET C 107 18.81 -23.71 0.52
N THR C 108 18.88 -23.18 1.74
CA THR C 108 18.56 -23.97 2.92
C THR C 108 17.04 -24.16 3.09
N ILE C 109 16.66 -25.26 3.72
CA ILE C 109 15.26 -25.59 4.05
C ILE C 109 14.42 -24.40 4.53
N GLY C 110 14.96 -23.61 5.45
CA GLY C 110 14.28 -22.42 5.91
C GLY C 110 13.90 -21.48 4.78
N GLN C 111 14.75 -21.37 3.76
CA GLN C 111 14.50 -20.45 2.67
C GLN C 111 13.59 -21.07 1.61
N LEU C 112 13.65 -22.40 1.50
CA LEU C 112 12.71 -23.16 0.68
C LEU C 112 11.30 -23.03 1.26
N CYS C 113 11.20 -23.07 2.59
CA CYS C 113 9.92 -22.87 3.25
C CYS C 113 9.38 -21.51 2.87
N ASP C 114 10.22 -20.52 3.09
CA ASP C 114 9.88 -19.14 2.93
C ASP C 114 9.48 -18.92 1.50
N ALA C 115 10.24 -19.48 0.60
CA ALA C 115 9.99 -19.32 -0.80
C ALA C 115 8.69 -19.95 -1.23
N ALA C 116 8.43 -21.13 -0.70
CA ALA C 116 7.24 -21.81 -1.09
C ALA C 116 6.01 -21.07 -0.66
N ILE C 117 5.98 -20.62 0.58
CA ILE C 117 4.80 -19.90 1.01
C ILE C 117 4.63 -18.51 0.46
N ARG C 118 5.67 -17.71 0.60
CA ARG C 118 5.61 -16.32 0.21
C ARG C 118 5.54 -16.13 -1.27
N TYR C 119 6.33 -16.90 -1.99
CA TYR C 119 6.40 -16.79 -3.44
C TYR C 119 5.75 -17.93 -4.20
N SER C 120 5.09 -18.80 -3.48
CA SER C 120 4.35 -19.84 -4.13
C SER C 120 5.31 -20.56 -5.04
N ASP C 121 6.53 -20.74 -4.60
CA ASP C 121 7.55 -21.24 -5.50
C ASP C 121 7.38 -22.71 -5.73
N GLY C 122 7.15 -23.09 -6.96
CA GLY C 122 6.90 -24.48 -7.26
C GLY C 122 8.06 -25.38 -6.97
N THR C 123 9.23 -24.94 -7.36
CA THR C 123 10.42 -25.72 -7.13
C THR C 123 10.74 -25.84 -5.68
N ALA C 124 10.54 -24.79 -4.92
CA ALA C 124 10.89 -24.85 -3.52
C ALA C 124 10.04 -25.89 -2.87
N ALA C 125 8.88 -26.12 -3.44
CA ALA C 125 7.93 -27.04 -2.87
C ALA C 125 8.35 -28.45 -3.19
N ASN C 126 8.61 -28.71 -4.45
CA ASN C 126 9.01 -30.05 -4.87
C ASN C 126 10.22 -30.53 -4.06
N LEU C 127 11.16 -29.65 -3.81
CA LEU C 127 12.31 -29.97 -2.96
C LEU C 127 11.90 -30.34 -1.54
N LEU C 128 10.90 -29.65 -1.02
CA LEU C 128 10.42 -29.90 0.33
C LEU C 128 9.70 -31.26 0.45
N LEU C 129 8.89 -31.60 -0.54
CA LEU C 129 8.21 -32.89 -0.54
C LEU C 129 9.25 -34.00 -0.44
N ALA C 130 10.18 -34.02 -1.41
CA ALA C 130 11.30 -34.96 -1.44
C ALA C 130 11.96 -35.07 -0.06
N ASP C 131 12.04 -33.97 0.66
CA ASP C 131 12.62 -33.98 2.00
C ASP C 131 11.80 -34.82 2.98
N LEU C 132 10.49 -34.75 2.85
CA LEU C 132 9.62 -35.56 3.68
C LEU C 132 10.02 -37.00 3.54
N GLY C 133 10.24 -37.45 2.32
CA GLY C 133 10.74 -38.79 2.08
C GLY C 133 9.66 -39.75 1.67
N GLY C 134 10.05 -41.01 1.52
CA GLY C 134 9.10 -42.06 1.21
C GLY C 134 8.60 -42.03 -0.21
N PRO C 135 7.79 -43.01 -0.54
CA PRO C 135 7.24 -43.15 -1.89
C PRO C 135 6.65 -41.87 -2.38
N GLY C 136 5.98 -41.94 -3.52
CA GLY C 136 5.37 -40.77 -4.14
C GLY C 136 6.35 -39.63 -4.33
N GLY C 137 7.45 -39.65 -3.60
CA GLY C 137 8.39 -38.56 -3.63
C GLY C 137 8.16 -37.68 -2.42
N GLY C 138 7.47 -38.23 -1.43
CA GLY C 138 7.11 -37.51 -0.24
C GLY C 138 5.62 -37.25 -0.31
N THR C 139 5.09 -37.30 -1.52
CA THR C 139 3.70 -37.01 -1.71
C THR C 139 2.88 -37.95 -0.87
N ALA C 140 3.56 -38.94 -0.31
CA ALA C 140 2.89 -39.96 0.45
C ALA C 140 3.02 -39.62 1.90
N ALA C 141 4.19 -39.16 2.28
CA ALA C 141 4.38 -38.73 3.64
C ALA C 141 3.56 -37.49 3.86
N PHE C 142 3.32 -36.74 2.79
CA PHE C 142 2.50 -35.52 2.95
C PHE C 142 1.04 -35.85 3.24
N THR C 143 0.44 -36.73 2.43
CA THR C 143 -0.92 -37.22 2.69
C THR C 143 -1.09 -37.78 4.11
N GLY C 144 -0.04 -38.45 4.60
CA GLY C 144 -0.08 -39.11 5.89
C GLY C 144 -0.05 -38.09 7.00
N TYR C 145 0.61 -36.96 6.75
CA TYR C 145 0.54 -35.81 7.66
C TYR C 145 -0.87 -35.23 7.74
N LEU C 146 -1.53 -35.04 6.60
CA LEU C 146 -2.91 -34.53 6.63
C LEU C 146 -3.85 -35.49 7.34
N ARG C 147 -3.54 -36.79 7.24
CA ARG C 147 -4.35 -37.83 7.86
C ARG C 147 -4.19 -37.72 9.34
N SER C 148 -2.95 -37.53 9.77
CA SER C 148 -2.68 -37.41 11.19
C SER C 148 -3.36 -36.16 11.76
N LEU C 149 -3.71 -35.21 10.90
CA LEU C 149 -4.40 -33.98 11.36
C LEU C 149 -5.92 -34.07 11.35
N GLY C 150 -6.44 -35.29 11.22
CA GLY C 150 -7.88 -35.51 11.15
C GLY C 150 -8.44 -35.37 9.75
N ASP C 151 -7.57 -35.15 8.76
CA ASP C 151 -8.05 -34.94 7.40
C ASP C 151 -8.21 -36.27 6.63
N THR C 152 -9.44 -36.76 6.59
CA THR C 152 -9.70 -38.02 5.91
C THR C 152 -10.11 -37.79 4.45
N VAL C 153 -10.31 -36.53 4.10
CA VAL C 153 -10.87 -36.13 2.79
C VAL C 153 -9.83 -35.83 1.71
N SER C 154 -8.80 -35.05 2.03
CA SER C 154 -7.82 -34.62 1.01
C SER C 154 -7.10 -35.77 0.35
N ARG C 155 -6.30 -35.46 -0.67
CA ARG C 155 -5.43 -36.43 -1.31
C ARG C 155 -4.47 -35.87 -2.37
N LEU C 156 -3.17 -35.83 -2.06
CA LEU C 156 -2.15 -35.36 -3.00
C LEU C 156 -1.45 -36.55 -3.68
N ASP C 157 -1.53 -36.62 -5.01
CA ASP C 157 -0.93 -37.72 -5.76
C ASP C 157 0.22 -37.29 -6.67
N PRO C 167 -8.15 -33.15 -14.78
CA PRO C 167 -9.48 -32.80 -15.30
C PRO C 167 -10.53 -32.76 -14.20
N PRO C 168 -11.63 -32.00 -14.42
CA PRO C 168 -12.77 -31.92 -13.49
C PRO C 168 -13.38 -33.29 -13.12
N GLY C 169 -13.89 -33.42 -11.90
CA GLY C 169 -14.45 -34.68 -11.43
C GLY C 169 -13.38 -35.73 -11.15
N ASP C 170 -12.13 -35.27 -11.08
CA ASP C 170 -10.98 -36.12 -10.79
C ASP C 170 -10.61 -35.99 -9.32
N GLU C 171 -10.69 -37.09 -8.58
CA GLU C 171 -10.33 -37.08 -7.16
C GLU C 171 -8.86 -36.72 -6.86
N ARG C 172 -7.96 -36.96 -7.81
CA ARG C 172 -6.53 -36.71 -7.58
C ARG C 172 -6.18 -35.23 -7.35
N ASP C 173 -5.41 -34.97 -6.30
CA ASP C 173 -4.96 -33.60 -5.95
C ASP C 173 -6.08 -32.63 -5.56
N THR C 174 -7.18 -33.17 -5.02
CA THR C 174 -8.29 -32.33 -4.63
C THR C 174 -8.49 -32.42 -3.13
N THR C 175 -9.14 -31.38 -2.60
CA THR C 175 -9.67 -31.40 -1.25
C THR C 175 -11.05 -30.78 -1.24
N THR C 176 -11.57 -30.49 -0.05
CA THR C 176 -12.80 -29.72 0.07
C THR C 176 -12.52 -28.41 0.84
N PRO C 177 -13.40 -27.43 0.72
CA PRO C 177 -13.28 -26.23 1.56
C PRO C 177 -13.32 -26.57 3.06
N HIS C 178 -14.34 -27.31 3.48
CA HIS C 178 -14.41 -27.88 4.82
C HIS C 178 -13.05 -28.47 5.28
N ALA C 179 -12.55 -29.46 4.53
CA ALA C 179 -11.35 -30.19 4.94
C ALA C 179 -10.15 -29.27 5.20
N ILE C 180 -9.80 -28.48 4.18
CA ILE C 180 -8.62 -27.63 4.20
C ILE C 180 -8.71 -26.53 5.24
N ALA C 181 -9.93 -26.06 5.53
CA ALA C 181 -10.17 -25.10 6.59
C ALA C 181 -9.83 -25.70 7.96
N LEU C 182 -10.32 -26.91 8.24
CA LEU C 182 -10.00 -27.57 9.50
C LEU C 182 -8.49 -27.79 9.69
N VAL C 183 -7.77 -28.11 8.61
CA VAL C 183 -6.31 -28.22 8.68
C VAL C 183 -5.64 -26.91 9.11
N LEU C 184 -5.98 -25.82 8.44
CA LEU C 184 -5.36 -24.52 8.71
C LEU C 184 -5.62 -23.98 10.11
N GLN C 185 -6.82 -24.24 10.61
CA GLN C 185 -7.22 -23.80 11.93
C GLN C 185 -6.37 -24.46 13.02
N GLN C 186 -5.94 -25.68 12.76
CA GLN C 186 -5.09 -26.41 13.71
C GLN C 186 -3.65 -25.96 13.65
N LEU C 187 -3.19 -25.74 12.42
CA LEU C 187 -1.83 -25.30 12.17
C LEU C 187 -1.54 -23.92 12.75
N VAL C 188 -2.54 -23.05 12.73
CA VAL C 188 -2.34 -21.63 13.01
C VAL C 188 -2.96 -21.18 14.32
N LEU C 189 -4.16 -21.66 14.62
CA LEU C 189 -4.85 -21.26 15.85
C LEU C 189 -4.84 -22.39 16.87
N GLY C 190 -4.62 -23.62 16.39
CA GLY C 190 -4.58 -24.79 17.23
C GLY C 190 -3.18 -25.17 17.65
N ASN C 191 -3.02 -26.39 18.15
CA ASN C 191 -1.76 -26.86 18.72
C ASN C 191 -1.04 -27.94 17.88
N ALA C 192 -1.38 -28.02 16.60
CA ALA C 192 -0.69 -28.92 15.68
C ALA C 192 0.83 -28.68 15.63
N LEU C 193 1.28 -27.55 16.19
CA LEU C 193 2.72 -27.21 16.27
C LEU C 193 3.07 -26.45 17.55
N PRO C 194 4.26 -26.72 18.12
CA PRO C 194 4.75 -25.96 19.27
C PRO C 194 4.90 -24.48 18.94
N PRO C 195 4.66 -23.59 19.91
CA PRO C 195 4.61 -22.15 19.66
C PRO C 195 5.73 -21.58 18.78
N ASP C 196 6.95 -22.08 18.90
CA ASP C 196 8.04 -21.52 18.10
C ASP C 196 7.88 -21.81 16.61
N LYS C 197 7.50 -23.05 16.29
CA LYS C 197 7.27 -23.46 14.91
C LYS C 197 5.95 -22.93 14.36
N ARG C 198 4.97 -22.67 15.21
CA ARG C 198 3.74 -22.11 14.74
C ARG C 198 4.00 -20.67 14.32
N ALA C 199 4.72 -19.92 15.14
CA ALA C 199 5.07 -18.53 14.81
C ALA C 199 5.83 -18.42 13.51
N LEU C 200 6.59 -19.45 13.15
CA LEU C 200 7.30 -19.42 11.88
C LEU C 200 6.27 -19.42 10.76
N LEU C 201 5.53 -20.52 10.62
CA LEU C 201 4.50 -20.66 9.61
C LEU C 201 3.59 -19.43 9.51
N THR C 202 3.15 -18.92 10.65
CA THR C 202 2.27 -17.78 10.67
C THR C 202 2.96 -16.54 10.10
N ASP C 203 4.24 -16.41 10.40
CA ASP C 203 5.01 -15.24 9.99
C ASP C 203 5.14 -15.22 8.47
N TRP C 204 5.52 -16.37 7.92
CA TRP C 204 5.61 -16.55 6.49
C TRP C 204 4.29 -16.26 5.78
N MET C 205 3.19 -16.70 6.35
CA MET C 205 1.94 -16.52 5.67
C MET C 205 1.55 -15.05 5.70
N ALA C 206 1.82 -14.41 6.83
CA ALA C 206 1.47 -13.00 7.06
C ALA C 206 2.19 -12.07 6.09
N ARG C 207 3.36 -12.52 5.62
CA ARG C 207 4.17 -11.73 4.70
C ARG C 207 4.13 -12.32 3.30
N ASN C 208 3.04 -13.04 3.04
CA ASN C 208 2.77 -13.59 1.72
C ASN C 208 2.52 -12.48 0.72
N THR C 209 2.98 -12.70 -0.51
CA THR C 209 3.00 -11.65 -1.51
C THR C 209 2.02 -11.90 -2.67
N THR C 210 1.17 -12.92 -2.54
CA THR C 210 0.35 -13.37 -3.67
C THR C 210 -1.19 -13.15 -3.57
N GLY C 211 -1.73 -12.89 -2.39
CA GLY C 211 -3.17 -12.79 -2.21
C GLY C 211 -3.79 -11.41 -1.98
N ALA C 212 -3.11 -10.36 -2.41
CA ALA C 212 -3.56 -8.98 -2.23
C ALA C 212 -4.88 -8.68 -2.95
N LYS C 213 -5.25 -9.57 -3.87
CA LYS C 213 -6.45 -9.40 -4.66
C LYS C 213 -7.51 -10.46 -4.41
N ARG C 214 -7.48 -11.08 -3.23
CA ARG C 214 -8.43 -12.13 -2.93
C ARG C 214 -9.11 -11.90 -1.57
N ILE C 215 -8.79 -12.72 -0.58
CA ILE C 215 -9.43 -12.55 0.72
C ILE C 215 -9.00 -11.22 1.39
N ARG C 216 -7.79 -10.76 1.09
CA ARG C 216 -7.32 -9.49 1.64
C ARG C 216 -8.03 -8.32 0.98
N ALA C 217 -8.47 -8.50 -0.26
CA ALA C 217 -9.13 -7.45 -1.02
C ALA C 217 -10.56 -7.27 -0.56
N GLY C 218 -11.14 -8.36 -0.09
CA GLY C 218 -12.54 -8.39 0.22
C GLY C 218 -12.84 -8.20 1.67
N PHE C 219 -11.80 -7.98 2.48
CA PHE C 219 -12.03 -7.66 3.89
C PHE C 219 -11.75 -6.18 4.15
N PRO C 220 -12.37 -5.61 5.18
CA PRO C 220 -11.91 -4.28 5.55
C PRO C 220 -10.43 -4.34 5.92
N ALA C 221 -9.71 -3.26 5.65
CA ALA C 221 -8.27 -3.17 5.95
C ALA C 221 -7.92 -3.21 7.47
N ASP C 222 -8.85 -2.86 8.34
CA ASP C 222 -8.55 -3.00 9.76
C ASP C 222 -8.67 -4.46 10.25
N TRP C 223 -9.17 -5.36 9.39
CA TRP C 223 -9.14 -6.80 9.67
C TRP C 223 -7.75 -7.28 9.32
N LYS C 224 -7.08 -7.99 10.22
CA LYS C 224 -5.79 -8.57 9.84
C LYS C 224 -6.05 -9.81 9.00
N VAL C 225 -5.26 -10.01 7.95
CA VAL C 225 -5.40 -11.17 7.07
C VAL C 225 -4.03 -11.77 6.71
N ILE C 226 -3.85 -13.07 6.97
CA ILE C 226 -2.76 -13.81 6.38
C ILE C 226 -3.36 -14.87 5.47
N ASP C 227 -2.62 -15.37 4.51
CA ASP C 227 -3.21 -16.30 3.57
C ASP C 227 -2.24 -17.16 2.81
N LYS C 228 -2.78 -18.04 1.99
CA LYS C 228 -2.02 -18.80 1.04
C LYS C 228 -2.93 -19.03 -0.14
N THR C 229 -2.51 -18.61 -1.32
CA THR C 229 -3.34 -18.74 -2.48
C THR C 229 -3.05 -19.99 -3.27
N GLY C 230 -3.80 -20.14 -4.35
CA GLY C 230 -3.66 -21.26 -5.25
C GLY C 230 -4.23 -20.85 -6.59
N THR C 231 -3.68 -21.40 -7.65
CA THR C 231 -4.14 -21.07 -8.98
C THR C 231 -3.69 -22.12 -9.94
N GLY C 232 -4.52 -22.38 -10.93
CA GLY C 232 -4.22 -23.40 -11.92
C GLY C 232 -5.08 -23.23 -13.14
N ASP C 233 -5.25 -24.32 -13.86
CA ASP C 233 -5.99 -24.30 -15.09
C ASP C 233 -7.46 -24.38 -14.81
N TYR C 234 -8.25 -24.31 -15.86
CA TYR C 234 -9.68 -24.43 -15.74
C TYR C 234 -10.21 -23.38 -14.84
N GLY C 235 -9.56 -22.23 -14.84
CA GLY C 235 -10.03 -21.09 -14.08
C GLY C 235 -10.06 -21.31 -12.58
N ARG C 236 -9.06 -22.01 -12.08
CA ARG C 236 -9.01 -22.37 -10.69
C ARG C 236 -8.42 -21.29 -9.84
N ALA C 237 -9.12 -20.94 -8.77
CA ALA C 237 -8.65 -19.92 -7.87
C ALA C 237 -9.05 -20.24 -6.46
N ASN C 238 -8.07 -20.33 -5.58
CA ASN C 238 -8.34 -20.63 -4.19
C ASN C 238 -7.64 -19.67 -3.28
N ASP C 239 -8.14 -19.54 -2.06
CA ASP C 239 -7.44 -18.80 -1.04
C ASP C 239 -7.86 -19.29 0.30
N ILE C 240 -6.90 -19.68 1.10
CA ILE C 240 -7.18 -20.04 2.46
C ILE C 240 -6.55 -18.97 3.29
N ALA C 241 -7.28 -18.49 4.29
CA ALA C 241 -6.85 -17.37 5.06
C ALA C 241 -7.21 -17.50 6.52
N VAL C 242 -6.51 -16.77 7.36
CA VAL C 242 -6.88 -16.61 8.73
C VAL C 242 -7.04 -15.13 8.93
N VAL C 243 -8.13 -14.72 9.54
CA VAL C 243 -8.49 -13.32 9.63
C VAL C 243 -8.76 -12.94 11.08
N TRP C 244 -8.46 -11.69 11.44
CA TRP C 244 -8.78 -11.19 12.77
C TRP C 244 -9.68 -9.95 12.67
N SER C 245 -10.80 -9.97 13.38
CA SER C 245 -11.65 -8.77 13.47
C SER C 245 -10.84 -7.65 14.10
N PRO C 246 -11.29 -6.40 13.97
CA PRO C 246 -10.49 -5.30 14.54
C PRO C 246 -10.20 -5.45 16.04
N THR C 247 -10.96 -6.33 16.67
CA THR C 247 -10.91 -6.61 18.08
C THR C 247 -10.04 -7.80 18.40
N GLY C 248 -9.32 -8.29 17.38
CA GLY C 248 -8.49 -9.47 17.49
C GLY C 248 -9.14 -10.84 17.58
N VAL C 249 -10.42 -10.96 17.25
CA VAL C 249 -11.12 -12.26 17.21
C VAL C 249 -10.84 -13.02 15.90
N PRO C 250 -10.28 -14.25 15.97
CA PRO C 250 -9.79 -14.91 14.74
C PRO C 250 -10.84 -15.77 14.02
N TYR C 251 -10.71 -15.90 12.71
CA TYR C 251 -11.55 -16.82 11.93
C TYR C 251 -10.75 -17.42 10.79
N VAL C 252 -11.05 -18.67 10.43
CA VAL C 252 -10.43 -19.33 9.28
C VAL C 252 -11.37 -19.26 8.06
N VAL C 253 -10.86 -18.76 6.94
CA VAL C 253 -11.67 -18.58 5.73
C VAL C 253 -11.08 -19.31 4.53
N ALA C 254 -11.71 -20.43 4.16
CA ALA C 254 -11.32 -21.17 2.97
C ALA C 254 -12.27 -20.85 1.83
N VAL C 255 -11.73 -20.30 0.74
CA VAL C 255 -12.52 -20.17 -0.46
C VAL C 255 -11.85 -20.88 -1.65
N MET C 256 -12.63 -21.67 -2.37
CA MET C 256 -12.10 -22.34 -3.56
C MET C 256 -13.05 -22.15 -4.72
N SER C 257 -12.51 -22.15 -5.92
CA SER C 257 -13.37 -22.00 -7.07
C SER C 257 -12.75 -22.57 -8.33
N ASP C 258 -13.57 -22.71 -9.35
CA ASP C 258 -13.06 -22.92 -10.71
C ASP C 258 -14.13 -22.61 -11.73
N ARG C 259 -13.69 -22.59 -12.98
CA ARG C 259 -14.56 -22.39 -14.13
C ARG C 259 -14.25 -23.47 -15.15
N ALA C 260 -14.49 -24.74 -14.80
CA ALA C 260 -14.09 -25.87 -15.64
C ALA C 260 -14.84 -26.00 -16.97
N GLY C 261 -16.12 -25.65 -16.98
CA GLY C 261 -16.89 -25.62 -18.21
C GLY C 261 -16.20 -24.88 -19.35
N GLY C 262 -15.44 -23.84 -19.01
CA GLY C 262 -14.68 -23.07 -19.98
C GLY C 262 -13.43 -23.79 -20.48
N GLY C 263 -13.27 -25.03 -20.03
CA GLY C 263 -12.13 -25.81 -20.42
C GLY C 263 -10.80 -25.37 -19.85
N TYR C 264 -9.77 -26.10 -20.27
CA TYR C 264 -8.44 -25.99 -19.74
C TYR C 264 -7.93 -24.56 -19.68
N ASP C 265 -8.28 -23.75 -20.68
CA ASP C 265 -7.76 -22.39 -20.75
C ASP C 265 -8.62 -21.32 -20.06
N ALA C 266 -9.67 -21.75 -19.38
CA ALA C 266 -10.51 -20.82 -18.63
C ALA C 266 -9.63 -19.92 -17.78
N GLU C 267 -9.96 -18.63 -17.76
CA GLU C 267 -9.26 -17.69 -16.90
C GLU C 267 -9.86 -17.66 -15.49
N PRO C 268 -8.99 -17.70 -14.47
CA PRO C 268 -9.42 -17.49 -13.08
C PRO C 268 -10.07 -16.10 -12.94
N ARG C 269 -11.03 -15.92 -12.05
CA ARG C 269 -11.56 -14.59 -11.79
C ARG C 269 -11.41 -14.20 -10.33
N GLU C 270 -10.32 -13.53 -9.99
CA GLU C 270 -10.02 -13.21 -8.59
C GLU C 270 -11.11 -12.40 -7.88
N ALA C 271 -11.94 -11.69 -8.65
CA ALA C 271 -12.97 -10.81 -8.07
C ALA C 271 -14.07 -11.66 -7.45
N LEU C 272 -14.19 -12.89 -7.95
CA LEU C 272 -15.07 -13.86 -7.33
C LEU C 272 -14.68 -14.04 -5.86
N LEU C 273 -13.40 -14.32 -5.59
CA LEU C 273 -12.90 -14.52 -4.22
C LEU C 273 -12.93 -13.23 -3.36
N ALA C 274 -12.62 -12.10 -3.94
CA ALA C 274 -12.72 -10.91 -3.16
C ALA C 274 -14.14 -10.68 -2.73
N GLU C 275 -15.07 -10.97 -3.62
CA GLU C 275 -16.49 -10.74 -3.37
C GLU C 275 -17.04 -11.66 -2.30
N ALA C 276 -16.71 -12.94 -2.39
CA ALA C 276 -17.22 -13.91 -1.45
C ALA C 276 -16.69 -13.58 -0.09
N ALA C 277 -15.48 -13.05 -0.05
CA ALA C 277 -14.85 -12.65 1.19
C ALA C 277 -15.58 -11.46 1.82
N THR C 278 -16.11 -10.56 0.98
CA THR C 278 -16.92 -9.43 1.47
C THR C 278 -18.27 -9.91 2.01
N CYS C 279 -18.87 -10.91 1.38
CA CYS C 279 -20.11 -11.50 1.88
C CYS C 279 -19.88 -12.15 3.24
N VAL C 280 -18.80 -12.92 3.35
CA VAL C 280 -18.40 -13.58 4.60
C VAL C 280 -18.14 -12.55 5.73
N ALA C 281 -17.29 -11.57 5.47
CA ALA C 281 -17.05 -10.49 6.39
C ALA C 281 -18.37 -9.92 6.91
N GLY C 282 -19.27 -9.60 5.97
CA GLY C 282 -20.60 -9.13 6.30
C GLY C 282 -21.19 -9.95 7.44
N VAL C 283 -21.12 -11.26 7.32
CA VAL C 283 -21.73 -12.17 8.28
C VAL C 283 -20.98 -12.24 9.63
N LEU C 284 -19.69 -11.96 9.64
CA LEU C 284 -18.89 -12.04 10.85
C LEU C 284 -18.83 -10.68 11.56
N ALA C 285 -19.18 -9.63 10.84
CA ALA C 285 -19.12 -8.25 11.35
C ALA C 285 -19.68 -8.08 12.77
N ASP D 21 31.52 12.33 -8.45
CA ASP D 21 31.84 11.37 -7.40
C ASP D 21 31.05 10.08 -7.66
N LEU D 22 30.37 10.07 -8.80
CA LEU D 22 29.59 8.90 -9.22
C LEU D 22 30.51 7.74 -9.57
N ALA D 23 31.55 8.03 -10.35
CA ALA D 23 32.55 7.04 -10.69
C ALA D 23 33.21 6.44 -9.45
N ASP D 24 33.38 7.28 -8.42
CA ASP D 24 34.04 6.88 -7.19
C ASP D 24 33.14 6.00 -6.36
N ARG D 25 31.84 6.13 -6.62
CA ARG D 25 30.85 5.35 -5.90
C ARG D 25 30.56 4.05 -6.64
N PHE D 26 30.55 4.11 -7.97
CA PHE D 26 30.53 2.91 -8.79
C PHE D 26 31.79 2.08 -8.54
N ALA D 27 32.90 2.76 -8.30
CA ALA D 27 34.17 2.12 -8.01
C ALA D 27 34.18 1.49 -6.62
N GLU D 28 33.40 2.04 -5.69
CA GLU D 28 33.28 1.45 -4.37
C GLU D 28 32.29 0.29 -4.34
N LEU D 29 31.22 0.43 -5.11
CA LEU D 29 30.25 -0.64 -5.22
C LEU D 29 30.95 -1.84 -5.83
N GLU D 30 32.05 -1.59 -6.53
CA GLU D 30 32.83 -2.65 -7.14
C GLU D 30 33.69 -3.41 -6.15
N ARG D 31 34.42 -2.72 -5.28
CA ARG D 31 35.23 -3.43 -4.30
C ARG D 31 34.40 -4.09 -3.21
N ARG D 32 33.33 -3.40 -2.76
CA ARG D 32 32.41 -3.95 -1.76
C ARG D 32 31.78 -5.27 -2.19
N TYR D 33 31.72 -5.49 -3.51
CA TYR D 33 31.08 -6.70 -4.01
C TYR D 33 32.07 -7.64 -4.70
N ASP D 34 33.33 -7.25 -4.76
CA ASP D 34 34.30 -8.00 -5.53
C ASP D 34 33.68 -8.29 -6.90
N ALA D 35 33.14 -7.26 -7.56
CA ALA D 35 32.52 -7.44 -8.88
C ALA D 35 32.92 -6.34 -9.87
N ARG D 36 32.57 -6.55 -11.14
CA ARG D 36 32.78 -5.54 -12.18
C ARG D 36 31.45 -4.95 -12.66
N LEU D 37 31.33 -3.64 -12.57
CA LEU D 37 30.07 -2.95 -12.81
C LEU D 37 30.03 -2.13 -14.10
N GLY D 38 29.04 -2.41 -14.94
CA GLY D 38 28.76 -1.64 -16.14
C GLY D 38 27.42 -0.92 -15.99
N VAL D 39 27.44 0.38 -16.24
CA VAL D 39 26.24 1.22 -16.12
C VAL D 39 26.11 2.19 -17.32
N TYR D 40 24.93 2.24 -17.91
CA TYR D 40 24.65 3.27 -18.90
C TYR D 40 23.23 3.83 -18.83
N VAL D 41 23.13 5.16 -18.80
CA VAL D 41 21.84 5.83 -18.98
C VAL D 41 21.95 6.86 -20.11
N PRO D 42 21.22 6.63 -21.23
CA PRO D 42 21.30 7.53 -22.37
C PRO D 42 21.05 8.99 -21.97
N ALA D 43 21.82 9.91 -22.53
CA ALA D 43 21.55 11.34 -22.35
C ALA D 43 20.11 11.67 -22.72
N THR D 44 19.53 12.65 -22.02
CA THR D 44 18.23 13.21 -22.39
C THR D 44 18.37 14.72 -22.53
N GLY D 45 17.31 15.37 -23.03
CA GLY D 45 17.30 16.80 -23.19
C GLY D 45 17.75 17.64 -21.99
N THR D 46 17.61 17.10 -20.78
CA THR D 46 17.94 17.86 -19.58
C THR D 46 18.95 17.13 -18.68
N THR D 47 19.51 16.03 -19.17
CA THR D 47 20.48 15.25 -18.43
C THR D 47 21.61 14.77 -19.34
N ALA D 48 22.82 14.69 -18.79
CA ALA D 48 23.92 14.07 -19.50
C ALA D 48 23.77 12.55 -19.46
N ALA D 49 24.49 11.84 -20.30
CA ALA D 49 24.50 10.41 -20.20
C ALA D 49 25.29 10.03 -18.95
N ILE D 50 24.86 8.96 -18.29
CA ILE D 50 25.60 8.39 -17.20
C ILE D 50 26.34 7.18 -17.75
N GLU D 51 27.61 7.04 -17.42
CA GLU D 51 28.37 5.91 -17.97
C GLU D 51 29.52 5.47 -17.06
N TYR D 52 29.54 4.17 -16.74
CA TYR D 52 30.66 3.54 -16.04
C TYR D 52 30.94 2.24 -16.76
N ARG D 53 32.12 2.11 -17.34
CA ARG D 53 32.50 0.87 -18.03
C ARG D 53 31.45 0.57 -19.10
N ALA D 54 30.79 1.63 -19.56
CA ALA D 54 29.63 1.50 -20.44
C ALA D 54 29.92 0.85 -21.79
N ASP D 55 31.20 0.80 -22.17
CA ASP D 55 31.62 0.26 -23.48
C ASP D 55 32.48 -1.01 -23.36
N GLU D 56 32.59 -1.53 -22.14
CA GLU D 56 33.21 -2.83 -21.94
C GLU D 56 32.15 -3.89 -22.17
N ARG D 57 32.58 -5.05 -22.63
CA ARG D 57 31.66 -6.12 -22.95
C ARG D 57 31.19 -6.89 -21.72
N PHE D 58 29.91 -7.24 -21.72
CA PHE D 58 29.32 -8.05 -20.67
C PHE D 58 28.46 -9.11 -21.32
N ALA D 59 28.22 -10.20 -20.62
CA ALA D 59 27.46 -11.30 -21.15
C ALA D 59 25.97 -11.05 -21.20
N PHE D 60 25.40 -11.01 -22.39
CA PHE D 60 23.98 -10.84 -22.53
C PHE D 60 23.25 -11.57 -21.43
N CYS D 61 23.67 -12.79 -21.16
CA CYS D 61 22.88 -13.67 -20.35
C CYS D 61 21.48 -13.57 -20.87
N SER D 62 20.51 -13.47 -19.97
CA SER D 62 19.09 -13.51 -20.34
C SER D 62 18.50 -12.14 -20.65
N THR D 63 19.33 -11.15 -20.98
CA THR D 63 18.79 -9.87 -21.37
C THR D 63 18.40 -9.76 -22.82
N PHE D 64 18.91 -10.65 -23.64
CA PHE D 64 18.70 -10.52 -25.06
C PHE D 64 17.29 -10.84 -25.46
N LYS D 65 16.60 -11.53 -24.58
CA LYS D 65 15.28 -11.99 -24.90
C LYS D 65 14.36 -10.83 -25.19
N ALA D 66 14.67 -9.68 -24.60
CA ALA D 66 13.83 -8.51 -24.80
C ALA D 66 13.83 -8.01 -26.25
N PRO D 67 15.01 -7.61 -26.78
CA PRO D 67 15.07 -7.29 -28.23
C PRO D 67 14.75 -8.52 -29.13
N LEU D 68 14.97 -9.73 -28.61
CA LEU D 68 14.64 -10.94 -29.35
C LEU D 68 13.17 -10.96 -29.76
N VAL D 69 12.31 -10.52 -28.83
CA VAL D 69 10.87 -10.49 -29.05
C VAL D 69 10.49 -9.35 -30.01
N ALA D 70 11.31 -8.30 -30.04
CA ALA D 70 11.04 -7.19 -30.93
C ALA D 70 11.38 -7.64 -32.35
N ALA D 71 12.49 -8.36 -32.46
CA ALA D 71 12.85 -9.05 -33.69
C ALA D 71 11.62 -9.74 -34.28
N VAL D 72 11.03 -10.63 -33.49
CA VAL D 72 9.93 -11.47 -33.94
C VAL D 72 8.68 -10.66 -34.29
N LEU D 73 8.42 -9.64 -33.49
CA LEU D 73 7.29 -8.74 -33.70
C LEU D 73 7.44 -7.91 -34.98
N HIS D 74 8.66 -7.44 -35.21
CA HIS D 74 9.00 -6.66 -36.38
C HIS D 74 8.81 -7.52 -37.61
N GLN D 75 9.52 -8.63 -37.66
CA GLN D 75 9.51 -9.47 -38.85
C GLN D 75 8.21 -10.14 -39.20
N ASN D 76 7.21 -10.07 -38.35
CA ASN D 76 5.98 -10.79 -38.66
C ASN D 76 4.76 -9.95 -38.47
N PRO D 77 3.70 -10.31 -39.17
CA PRO D 77 2.42 -9.62 -38.99
C PRO D 77 1.87 -9.97 -37.62
N LEU D 78 1.13 -9.06 -37.00
CA LEU D 78 0.55 -9.31 -35.68
C LEU D 78 -0.16 -10.66 -35.63
N THR D 79 -0.54 -11.14 -36.81
CA THR D 79 -1.26 -12.39 -36.98
C THR D 79 -0.41 -13.59 -36.54
N HIS D 80 0.90 -13.45 -36.70
CA HIS D 80 1.85 -14.52 -36.48
C HIS D 80 1.94 -14.96 -35.00
N LEU D 81 1.53 -14.09 -34.08
CA LEU D 81 1.61 -14.40 -32.64
C LEU D 81 0.75 -15.60 -32.24
N ASP D 82 -0.19 -15.97 -33.11
CA ASP D 82 -1.14 -17.05 -32.83
C ASP D 82 -0.64 -18.41 -33.32
N LYS D 83 0.40 -18.40 -34.13
CA LYS D 83 0.96 -19.64 -34.64
C LYS D 83 1.28 -20.55 -33.49
N LEU D 84 1.08 -21.85 -33.67
CA LEU D 84 1.38 -22.80 -32.60
C LEU D 84 2.71 -23.55 -32.79
N ILE D 85 3.62 -23.38 -31.85
CA ILE D 85 4.93 -24.02 -31.94
C ILE D 85 4.94 -25.28 -31.11
N THR D 86 5.36 -26.38 -31.73
CA THR D 86 5.38 -27.67 -31.07
C THR D 86 6.80 -28.13 -30.81
N TYR D 87 7.03 -28.61 -29.59
CA TYR D 87 8.36 -29.04 -29.19
C TYR D 87 8.28 -30.27 -28.30
N THR D 88 9.44 -30.84 -28.02
CA THR D 88 9.52 -32.06 -27.23
C THR D 88 10.27 -31.82 -25.94
N SER D 89 10.27 -32.82 -25.07
CA SER D 89 10.96 -32.71 -23.80
C SER D 89 12.48 -32.62 -23.95
N ASP D 90 13.01 -33.06 -25.09
CA ASP D 90 14.46 -32.95 -25.30
C ASP D 90 14.88 -31.56 -25.78
N ASP D 91 13.91 -30.80 -26.29
CA ASP D 91 14.13 -29.42 -26.74
C ASP D 91 14.43 -28.49 -25.56
N ILE D 92 14.32 -29.04 -24.34
CA ILE D 92 14.39 -28.27 -23.13
C ILE D 92 15.78 -28.34 -22.51
N ARG D 93 16.65 -27.43 -22.95
CA ARG D 93 18.06 -27.37 -22.51
C ARG D 93 18.33 -26.58 -21.21
N SER D 94 17.59 -25.49 -21.01
CA SER D 94 17.89 -24.54 -19.93
C SER D 94 16.70 -24.39 -18.99
N ILE D 95 16.81 -23.47 -18.04
CA ILE D 95 15.74 -23.24 -17.09
C ILE D 95 14.53 -22.73 -17.85
N SER D 96 13.48 -23.54 -17.88
CA SER D 96 12.26 -23.24 -18.64
C SER D 96 10.99 -23.44 -17.80
N PRO D 97 10.71 -22.48 -16.91
CA PRO D 97 9.61 -22.51 -15.94
C PRO D 97 8.22 -22.55 -16.57
N VAL D 98 8.12 -22.27 -17.87
CA VAL D 98 6.82 -22.31 -18.53
C VAL D 98 6.76 -23.38 -19.62
N ALA D 99 7.79 -23.42 -20.45
CA ALA D 99 7.85 -24.35 -21.57
C ALA D 99 7.92 -25.79 -21.07
N GLN D 100 8.35 -25.96 -19.82
CA GLN D 100 8.41 -27.26 -19.18
C GLN D 100 7.00 -27.82 -19.04
N GLN D 101 6.05 -26.94 -18.78
CA GLN D 101 4.68 -27.32 -18.51
C GLN D 101 3.76 -27.23 -19.73
N HIS D 102 4.28 -27.39 -20.93
CA HIS D 102 3.41 -27.34 -22.09
C HIS D 102 3.82 -28.22 -23.23
N VAL D 103 4.78 -29.08 -22.97
CA VAL D 103 5.35 -29.96 -24.00
C VAL D 103 4.25 -30.60 -24.83
N GLN D 104 3.14 -30.92 -24.18
CA GLN D 104 2.00 -31.57 -24.82
C GLN D 104 1.18 -30.61 -25.68
N THR D 105 0.91 -29.42 -25.17
CA THR D 105 0.08 -28.45 -25.88
C THR D 105 0.85 -27.59 -26.88
N GLY D 106 2.18 -27.54 -26.74
CA GLY D 106 2.97 -26.56 -27.47
C GLY D 106 2.56 -25.17 -27.02
N MET D 107 3.21 -24.14 -27.55
CA MET D 107 2.84 -22.78 -27.17
C MET D 107 2.75 -21.88 -28.40
N THR D 108 1.88 -20.87 -28.39
CA THR D 108 1.89 -19.93 -29.50
C THR D 108 3.12 -19.04 -29.37
N ILE D 109 3.59 -18.49 -30.49
CA ILE D 109 4.69 -17.54 -30.44
C ILE D 109 4.34 -16.49 -29.37
N GLY D 110 3.17 -15.90 -29.48
CA GLY D 110 2.66 -14.97 -28.47
C GLY D 110 2.93 -15.39 -27.03
N GLN D 111 2.75 -16.67 -26.73
CA GLN D 111 2.97 -17.21 -25.39
C GLN D 111 4.45 -17.46 -25.09
N LEU D 112 5.21 -17.80 -26.12
CA LEU D 112 6.65 -17.98 -25.99
C LEU D 112 7.29 -16.65 -25.70
N CYS D 113 6.77 -15.61 -26.37
CA CYS D 113 7.16 -14.23 -26.14
C CYS D 113 6.95 -13.87 -24.68
N ASP D 114 5.78 -14.23 -24.16
CA ASP D 114 5.39 -13.88 -22.81
C ASP D 114 6.26 -14.60 -21.78
N ALA D 115 6.63 -15.84 -22.10
CA ALA D 115 7.48 -16.63 -21.23
C ALA D 115 8.92 -16.15 -21.27
N ALA D 116 9.35 -15.76 -22.46
CA ALA D 116 10.74 -15.38 -22.71
C ALA D 116 11.13 -14.13 -21.91
N ILE D 117 10.17 -13.24 -21.76
CA ILE D 117 10.39 -11.96 -21.09
C ILE D 117 10.07 -12.00 -19.59
N ARG D 118 8.85 -12.42 -19.28
CA ARG D 118 8.37 -12.39 -17.93
C ARG D 118 9.01 -13.42 -17.03
N TYR D 119 9.53 -14.48 -17.62
CA TYR D 119 10.07 -15.55 -16.80
C TYR D 119 11.41 -15.98 -17.29
N SER D 120 11.81 -15.52 -18.47
CA SER D 120 13.14 -15.81 -18.92
C SER D 120 13.26 -17.23 -19.45
N ASP D 121 12.19 -17.77 -19.99
CA ASP D 121 12.18 -19.18 -20.39
C ASP D 121 13.22 -19.56 -21.43
N GLY D 122 14.25 -20.24 -20.97
CA GLY D 122 15.27 -20.75 -21.86
C GLY D 122 14.75 -21.40 -23.14
N THR D 123 13.73 -22.25 -23.01
CA THR D 123 13.17 -22.94 -24.17
C THR D 123 12.33 -22.00 -25.05
N ALA D 124 11.49 -21.18 -24.43
CA ALA D 124 10.75 -20.16 -25.17
C ALA D 124 11.70 -19.29 -25.98
N ALA D 125 12.90 -19.04 -25.45
CA ALA D 125 13.87 -18.23 -26.18
C ALA D 125 14.42 -19.00 -27.38
N ASN D 126 14.93 -20.21 -27.13
CA ASN D 126 15.41 -21.06 -28.21
C ASN D 126 14.38 -21.33 -29.30
N LEU D 127 13.12 -21.43 -28.93
CA LEU D 127 12.05 -21.56 -29.91
C LEU D 127 11.94 -20.31 -30.77
N LEU D 128 11.98 -19.14 -30.13
CA LEU D 128 11.83 -17.87 -30.82
C LEU D 128 13.00 -17.51 -31.76
N LEU D 129 14.21 -17.80 -31.30
CA LEU D 129 15.38 -17.65 -32.14
C LEU D 129 15.18 -18.46 -33.41
N ALA D 130 14.77 -19.70 -33.25
CA ALA D 130 14.62 -20.61 -34.39
C ALA D 130 13.48 -20.15 -35.31
N ASP D 131 12.61 -19.28 -34.79
CA ASP D 131 11.54 -18.72 -35.62
C ASP D 131 12.04 -17.53 -36.46
N LEU D 132 13.24 -17.07 -36.20
CA LEU D 132 13.86 -16.04 -37.01
C LEU D 132 14.51 -16.69 -38.21
N GLY D 133 15.26 -17.75 -37.99
CA GLY D 133 15.76 -18.56 -39.07
C GLY D 133 17.25 -18.52 -39.24
N GLY D 134 17.72 -19.23 -40.25
CA GLY D 134 19.11 -19.19 -40.63
C GLY D 134 20.04 -19.87 -39.68
N PRO D 135 21.29 -19.95 -40.09
CA PRO D 135 22.33 -20.59 -39.30
C PRO D 135 22.28 -20.11 -37.88
N GLY D 136 23.19 -20.60 -37.04
CA GLY D 136 23.27 -20.19 -35.66
C GLY D 136 22.06 -20.57 -34.84
N GLY D 137 20.99 -20.96 -35.52
CA GLY D 137 19.77 -21.29 -34.83
C GLY D 137 18.88 -20.08 -34.80
N GLY D 138 19.37 -19.02 -35.42
CA GLY D 138 18.66 -17.76 -35.47
C GLY D 138 19.53 -16.68 -34.90
N THR D 139 20.60 -17.09 -34.21
CA THR D 139 21.47 -16.17 -33.50
C THR D 139 22.18 -15.24 -34.43
N ALA D 140 22.09 -15.50 -35.72
CA ALA D 140 22.70 -14.62 -36.68
C ALA D 140 21.68 -13.69 -37.24
N ALA D 141 20.46 -14.19 -37.41
CA ALA D 141 19.39 -13.34 -37.90
C ALA D 141 19.03 -12.33 -36.83
N PHE D 142 19.13 -12.75 -35.59
CA PHE D 142 18.89 -11.87 -34.45
C PHE D 142 19.93 -10.74 -34.41
N THR D 143 21.21 -11.10 -34.49
CA THR D 143 22.27 -10.11 -34.53
C THR D 143 22.04 -9.18 -35.73
N GLY D 144 21.51 -9.75 -36.82
CA GLY D 144 21.10 -8.98 -37.97
C GLY D 144 20.11 -7.91 -37.58
N TYR D 145 19.22 -8.26 -36.67
CA TYR D 145 18.21 -7.35 -36.16
C TYR D 145 18.83 -6.18 -35.36
N LEU D 146 19.73 -6.49 -34.42
CA LEU D 146 20.50 -5.46 -33.71
C LEU D 146 21.16 -4.48 -34.69
N ARG D 147 21.99 -4.99 -35.61
CA ARG D 147 22.55 -4.19 -36.69
C ARG D 147 21.53 -3.23 -37.31
N SER D 148 20.29 -3.69 -37.46
CA SER D 148 19.25 -2.86 -38.06
C SER D 148 18.79 -1.68 -37.18
N LEU D 149 19.32 -1.60 -35.97
CA LEU D 149 18.96 -0.50 -35.07
C LEU D 149 20.18 0.37 -34.75
N GLY D 150 21.28 0.14 -35.47
CA GLY D 150 22.51 0.88 -35.27
C GLY D 150 23.45 0.23 -34.26
N ASP D 151 23.16 -1.00 -33.84
CA ASP D 151 24.04 -1.73 -32.92
C ASP D 151 25.09 -2.64 -33.64
N THR D 152 26.32 -2.12 -33.77
CA THR D 152 27.41 -2.79 -34.44
C THR D 152 28.40 -3.35 -33.43
N VAL D 153 27.90 -3.71 -32.26
CA VAL D 153 28.78 -4.10 -31.17
C VAL D 153 28.36 -5.41 -30.54
N SER D 154 27.06 -5.56 -30.29
CA SER D 154 26.53 -6.75 -29.64
C SER D 154 26.53 -7.88 -30.63
N ARG D 155 26.81 -9.09 -30.15
CA ARG D 155 26.62 -10.30 -30.95
C ARG D 155 25.92 -11.39 -30.14
N LEU D 156 25.21 -12.28 -30.82
CA LEU D 156 24.69 -13.47 -30.16
C LEU D 156 25.10 -14.67 -31.01
N ASP D 157 25.88 -15.57 -30.44
CA ASP D 157 26.40 -16.68 -31.19
C ASP D 157 25.80 -18.03 -30.86
N ALA D 158 25.17 -18.16 -29.70
CA ALA D 158 24.67 -19.45 -29.25
C ALA D 158 23.34 -19.36 -28.55
N GLU D 159 22.71 -20.49 -28.29
CA GLU D 159 21.45 -20.49 -27.59
C GLU D 159 21.55 -21.18 -26.26
N ALA D 160 20.43 -21.27 -25.56
CA ALA D 160 20.43 -21.88 -24.25
C ALA D 160 20.88 -23.31 -24.38
N PRO D 161 21.82 -23.70 -23.53
CA PRO D 161 22.34 -22.79 -22.50
C PRO D 161 23.79 -22.45 -22.76
N GLU D 162 24.40 -23.14 -23.70
CA GLU D 162 25.79 -22.86 -24.00
C GLU D 162 26.05 -21.41 -23.68
N LEU D 163 25.09 -20.57 -24.01
CA LEU D 163 25.18 -19.13 -23.77
C LEU D 163 25.98 -18.82 -22.53
N ASN D 164 25.28 -18.50 -21.45
CA ASN D 164 25.94 -18.07 -20.23
C ASN D 164 26.86 -19.14 -19.63
N ARG D 165 27.74 -19.68 -20.47
CA ARG D 165 28.74 -20.63 -20.00
C ARG D 165 30.10 -20.40 -20.64
N ASP D 166 30.32 -19.20 -21.17
CA ASP D 166 31.59 -18.81 -21.78
C ASP D 166 32.59 -18.33 -20.74
N PRO D 167 33.84 -18.13 -21.14
CA PRO D 167 34.87 -17.66 -20.22
C PRO D 167 34.97 -16.14 -20.21
N PRO D 168 35.29 -15.56 -19.04
CA PRO D 168 35.62 -14.14 -19.02
C PRO D 168 36.72 -13.89 -20.06
N GLY D 169 36.55 -12.87 -20.89
CA GLY D 169 37.52 -12.58 -21.93
C GLY D 169 37.04 -13.01 -23.30
N ASP D 170 35.95 -13.78 -23.32
CA ASP D 170 35.37 -14.32 -24.54
C ASP D 170 34.30 -13.40 -25.15
N GLU D 171 34.53 -12.94 -26.39
CA GLU D 171 33.65 -11.95 -27.04
C GLU D 171 32.36 -12.51 -27.62
N ARG D 172 32.19 -13.83 -27.53
CA ARG D 172 30.96 -14.46 -28.00
C ARG D 172 29.83 -14.15 -27.03
N ASP D 173 28.64 -13.86 -27.57
CA ASP D 173 27.44 -13.66 -26.75
C ASP D 173 27.45 -12.38 -25.90
N THR D 174 28.24 -11.38 -26.26
CA THR D 174 28.32 -10.23 -25.40
C THR D 174 27.66 -8.99 -25.97
N THR D 175 27.46 -8.02 -25.08
CA THR D 175 27.07 -6.68 -25.46
C THR D 175 27.76 -5.70 -24.53
N THR D 176 27.28 -4.46 -24.50
CA THR D 176 27.78 -3.46 -23.59
C THR D 176 26.59 -2.70 -23.02
N PRO D 177 26.77 -2.09 -21.83
CA PRO D 177 25.73 -1.25 -21.25
C PRO D 177 25.27 -0.20 -22.26
N HIS D 178 26.26 0.45 -22.87
CA HIS D 178 25.97 1.49 -23.85
C HIS D 178 25.09 0.95 -25.00
N ALA D 179 25.54 -0.14 -25.62
CA ALA D 179 24.85 -0.76 -26.76
C ALA D 179 23.39 -1.20 -26.51
N ILE D 180 23.19 -2.01 -25.48
CA ILE D 180 21.87 -2.55 -25.16
C ILE D 180 20.90 -1.45 -24.73
N ALA D 181 21.45 -0.45 -24.01
CA ALA D 181 20.70 0.71 -23.53
C ALA D 181 20.08 1.49 -24.69
N LEU D 182 20.90 1.81 -25.70
CA LEU D 182 20.42 2.45 -26.92
C LEU D 182 19.39 1.59 -27.72
N VAL D 183 19.53 0.27 -27.66
CA VAL D 183 18.56 -0.62 -28.31
C VAL D 183 17.20 -0.54 -27.60
N LEU D 184 17.18 -0.87 -26.31
CA LEU D 184 15.96 -0.81 -25.53
C LEU D 184 15.24 0.53 -25.70
N GLN D 185 16.01 1.58 -25.94
CA GLN D 185 15.45 2.91 -26.04
C GLN D 185 14.67 3.12 -27.34
N GLN D 186 15.21 2.66 -28.46
CA GLN D 186 14.49 2.72 -29.72
C GLN D 186 13.25 1.85 -29.69
N LEU D 187 13.37 0.71 -29.02
CA LEU D 187 12.26 -0.24 -28.88
C LEU D 187 11.08 0.31 -28.07
N VAL D 188 11.35 0.80 -26.86
CA VAL D 188 10.28 1.22 -25.95
C VAL D 188 9.91 2.71 -26.10
N LEU D 189 10.93 3.57 -26.18
CA LEU D 189 10.71 5.02 -26.24
C LEU D 189 10.66 5.57 -27.67
N GLY D 190 11.20 4.82 -28.61
CA GLY D 190 11.30 5.28 -29.98
C GLY D 190 10.39 4.56 -30.97
N ASN D 191 10.75 4.67 -32.25
CA ASN D 191 9.90 4.15 -33.32
C ASN D 191 10.31 2.80 -33.91
N ALA D 192 11.25 2.11 -33.26
CA ALA D 192 11.67 0.79 -33.74
C ALA D 192 10.51 -0.16 -34.06
N LEU D 193 9.56 -0.30 -33.13
CA LEU D 193 8.31 -1.03 -33.38
C LEU D 193 7.13 -0.08 -33.43
N PRO D 194 6.19 -0.34 -34.35
CA PRO D 194 4.96 0.45 -34.56
C PRO D 194 4.01 0.36 -33.36
N PRO D 195 3.22 1.42 -33.12
CA PRO D 195 2.49 1.60 -31.85
C PRO D 195 1.78 0.36 -31.27
N ASP D 196 1.40 -0.61 -32.11
CA ASP D 196 0.69 -1.79 -31.62
C ASP D 196 1.62 -2.88 -31.09
N LYS D 197 2.77 -3.04 -31.72
CA LYS D 197 3.77 -3.96 -31.26
C LYS D 197 4.57 -3.34 -30.11
N ARG D 198 4.77 -2.02 -30.17
CA ARG D 198 5.46 -1.33 -29.08
C ARG D 198 4.72 -1.58 -27.75
N ALA D 199 3.39 -1.57 -27.80
CA ALA D 199 2.59 -1.78 -26.59
C ALA D 199 2.79 -3.18 -26.01
N LEU D 200 2.74 -4.20 -26.86
CA LEU D 200 2.95 -5.59 -26.42
C LEU D 200 4.29 -5.82 -25.72
N LEU D 201 5.38 -5.33 -26.30
CA LEU D 201 6.72 -5.45 -25.74
C LEU D 201 6.82 -4.76 -24.37
N THR D 202 6.41 -3.49 -24.32
CA THR D 202 6.46 -2.72 -23.08
C THR D 202 5.70 -3.46 -21.98
N ASP D 203 4.53 -3.94 -22.34
CA ASP D 203 3.61 -4.52 -21.38
C ASP D 203 4.15 -5.82 -20.78
N TRP D 204 4.90 -6.58 -21.56
CA TRP D 204 5.50 -7.82 -21.08
C TRP D 204 6.62 -7.53 -20.07
N MET D 205 7.45 -6.54 -20.39
CA MET D 205 8.48 -6.07 -19.48
C MET D 205 7.86 -5.40 -18.25
N ALA D 206 6.71 -4.75 -18.44
CA ALA D 206 6.02 -4.11 -17.32
C ALA D 206 5.58 -5.12 -16.27
N ARG D 207 5.26 -6.33 -16.72
CA ARG D 207 4.76 -7.39 -15.86
C ARG D 207 5.80 -8.51 -15.73
N ASN D 208 7.06 -8.14 -15.86
CA ASN D 208 8.16 -9.09 -15.65
C ASN D 208 8.25 -9.51 -14.18
N THR D 209 8.60 -10.78 -13.96
CA THR D 209 8.55 -11.38 -12.61
C THR D 209 9.94 -11.56 -11.97
N THR D 210 11.00 -11.44 -12.77
CA THR D 210 12.35 -11.78 -12.32
C THR D 210 13.14 -10.59 -11.72
N GLY D 211 12.63 -9.37 -11.91
CA GLY D 211 13.42 -8.17 -11.66
C GLY D 211 13.16 -7.36 -10.41
N ALA D 212 12.50 -7.94 -9.43
CA ALA D 212 12.04 -7.20 -8.25
C ALA D 212 13.15 -6.82 -7.27
N LYS D 213 14.29 -7.51 -7.35
CA LYS D 213 15.40 -7.21 -6.45
C LYS D 213 16.58 -6.46 -7.10
N ARG D 214 16.38 -5.96 -8.31
CA ARG D 214 17.47 -5.30 -8.99
C ARG D 214 17.20 -3.81 -9.25
N ILE D 215 16.85 -3.46 -10.48
CA ILE D 215 16.60 -2.05 -10.77
C ILE D 215 15.37 -1.54 -10.03
N ARG D 216 14.25 -2.25 -10.20
CA ARG D 216 13.00 -1.97 -9.47
C ARG D 216 13.21 -1.77 -7.96
N ALA D 217 14.20 -2.44 -7.40
CA ALA D 217 14.51 -2.33 -5.97
C ALA D 217 15.35 -1.10 -5.60
N GLY D 218 15.98 -0.49 -6.60
CA GLY D 218 16.91 0.61 -6.37
C GLY D 218 16.25 1.96 -6.65
N PHE D 219 15.05 1.92 -7.19
CA PHE D 219 14.30 3.13 -7.52
C PHE D 219 13.09 3.21 -6.60
N PRO D 220 12.71 4.43 -6.20
CA PRO D 220 11.58 4.70 -5.32
C PRO D 220 10.28 4.19 -5.94
N ALA D 221 9.35 3.71 -5.12
CA ALA D 221 8.13 3.07 -5.62
C ALA D 221 7.27 3.96 -6.54
N ASP D 222 7.33 5.27 -6.33
CA ASP D 222 6.57 6.20 -7.18
C ASP D 222 7.14 6.35 -8.61
N TRP D 223 8.34 5.79 -8.84
CA TRP D 223 8.87 5.66 -10.21
C TRP D 223 8.30 4.39 -10.84
N LYS D 224 7.78 4.49 -12.06
CA LYS D 224 7.38 3.27 -12.76
C LYS D 224 8.62 2.58 -13.35
N VAL D 225 8.68 1.25 -13.28
CA VAL D 225 9.80 0.50 -13.85
C VAL D 225 9.35 -0.70 -14.73
N ILE D 226 9.87 -0.79 -15.94
CA ILE D 226 9.71 -1.98 -16.73
C ILE D 226 11.11 -2.48 -17.04
N ASP D 227 11.31 -3.79 -17.09
CA ASP D 227 12.65 -4.30 -17.32
C ASP D 227 12.79 -5.76 -17.73
N LYS D 228 14.04 -6.16 -17.90
CA LYS D 228 14.41 -7.50 -18.29
C LYS D 228 15.74 -7.84 -17.65
N THR D 229 15.82 -9.00 -17.04
CA THR D 229 17.01 -9.37 -16.30
C THR D 229 17.77 -10.46 -16.99
N GLY D 230 19.01 -10.66 -16.56
CA GLY D 230 19.82 -11.74 -17.07
C GLY D 230 20.75 -12.18 -15.98
N THR D 231 20.96 -13.48 -15.90
CA THR D 231 21.86 -14.03 -14.93
C THR D 231 22.66 -15.16 -15.53
N GLY D 232 23.85 -15.38 -15.02
CA GLY D 232 24.72 -16.43 -15.50
C GLY D 232 25.81 -16.80 -14.51
N ASP D 233 26.80 -17.54 -14.98
CA ASP D 233 27.87 -17.99 -14.12
C ASP D 233 28.85 -16.87 -13.96
N TYR D 234 30.03 -17.19 -13.48
CA TYR D 234 31.02 -16.17 -13.31
C TYR D 234 30.38 -15.02 -12.61
N GLY D 235 29.30 -15.31 -11.89
CA GLY D 235 28.64 -14.33 -11.07
C GLY D 235 28.02 -13.19 -11.83
N ARG D 236 27.26 -13.51 -12.86
CA ARG D 236 26.71 -12.50 -13.74
C ARG D 236 25.30 -12.10 -13.39
N ALA D 237 25.07 -10.79 -13.33
CA ALA D 237 23.77 -10.28 -13.01
C ALA D 237 23.53 -9.04 -13.82
N ASN D 238 22.47 -9.04 -14.61
CA ASN D 238 22.15 -7.90 -15.43
C ASN D 238 20.75 -7.41 -15.20
N ASP D 239 20.51 -6.17 -15.56
CA ASP D 239 19.16 -5.68 -15.66
C ASP D 239 19.17 -4.51 -16.56
N ILE D 240 18.19 -4.42 -17.44
CA ILE D 240 18.01 -3.26 -18.25
C ILE D 240 16.57 -2.85 -18.18
N ALA D 241 16.32 -1.60 -17.89
CA ALA D 241 14.97 -1.15 -17.73
C ALA D 241 14.77 0.21 -18.30
N VAL D 242 13.51 0.57 -18.43
CA VAL D 242 13.07 1.91 -18.73
C VAL D 242 12.30 2.37 -17.48
N VAL D 243 12.71 3.48 -16.88
CA VAL D 243 12.03 3.99 -15.70
C VAL D 243 11.28 5.26 -16.07
N TRP D 244 10.25 5.60 -15.29
CA TRP D 244 9.55 6.88 -15.44
C TRP D 244 9.52 7.58 -14.09
N SER D 245 10.04 8.80 -14.04
CA SER D 245 9.97 9.58 -12.80
C SER D 245 8.52 9.78 -12.35
N PRO D 246 8.32 10.19 -11.08
CA PRO D 246 6.95 10.43 -10.59
C PRO D 246 6.14 11.33 -11.53
N THR D 247 6.82 12.19 -12.28
CA THR D 247 6.19 13.15 -13.18
C THR D 247 6.03 12.64 -14.60
N GLY D 248 6.46 11.40 -14.88
CA GLY D 248 6.32 10.83 -16.20
C GLY D 248 7.50 11.07 -17.14
N VAL D 249 8.66 11.41 -16.59
CA VAL D 249 9.87 11.55 -17.42
C VAL D 249 10.62 10.21 -17.55
N PRO D 250 10.82 9.71 -18.78
CA PRO D 250 11.44 8.39 -19.01
C PRO D 250 12.95 8.44 -19.05
N TYR D 251 13.58 7.39 -18.57
CA TYR D 251 15.01 7.18 -18.77
C TYR D 251 15.20 5.71 -19.05
N VAL D 252 16.29 5.36 -19.74
CA VAL D 252 16.65 3.96 -19.93
C VAL D 252 17.82 3.68 -19.00
N VAL D 253 17.78 2.55 -18.28
CA VAL D 253 18.87 2.20 -17.35
C VAL D 253 19.44 0.80 -17.62
N ALA D 254 20.73 0.73 -17.89
CA ALA D 254 21.39 -0.55 -18.17
C ALA D 254 22.45 -0.82 -17.12
N VAL D 255 22.26 -1.88 -16.35
CA VAL D 255 23.24 -2.25 -15.34
C VAL D 255 23.72 -3.69 -15.50
N MET D 256 25.03 -3.86 -15.56
CA MET D 256 25.60 -5.17 -15.87
C MET D 256 26.75 -5.51 -14.94
N SER D 257 26.82 -6.76 -14.49
CA SER D 257 27.87 -7.12 -13.55
C SER D 257 28.36 -8.55 -13.72
N ASP D 258 29.55 -8.79 -13.20
CA ASP D 258 30.07 -10.13 -13.12
C ASP D 258 31.19 -10.10 -12.09
N ARG D 259 31.54 -11.28 -11.59
CA ARG D 259 32.61 -11.42 -10.61
C ARG D 259 33.53 -12.58 -11.02
N ALA D 260 34.33 -12.34 -12.06
CA ALA D 260 35.17 -13.38 -12.67
C ALA D 260 36.19 -13.99 -11.71
N GLY D 261 36.68 -13.19 -10.75
CA GLY D 261 37.67 -13.62 -9.79
C GLY D 261 37.17 -14.75 -8.89
N GLY D 262 35.86 -14.95 -8.87
CA GLY D 262 35.27 -16.05 -8.13
C GLY D 262 34.99 -17.25 -9.02
N GLY D 263 35.50 -17.17 -10.25
CA GLY D 263 35.36 -18.25 -11.22
C GLY D 263 33.93 -18.59 -11.62
N TYR D 264 33.81 -19.74 -12.27
CA TYR D 264 32.55 -20.25 -12.78
C TYR D 264 31.43 -20.28 -11.71
N ASP D 265 31.79 -20.46 -10.44
CA ASP D 265 30.78 -20.72 -9.42
C ASP D 265 30.49 -19.52 -8.49
N ALA D 266 31.11 -18.38 -8.79
CA ALA D 266 30.95 -17.12 -8.04
C ALA D 266 29.50 -16.69 -8.01
N GLU D 267 29.01 -16.25 -6.86
CA GLU D 267 27.58 -15.97 -6.74
C GLU D 267 27.26 -14.57 -7.26
N PRO D 268 26.24 -14.46 -8.14
CA PRO D 268 25.84 -13.13 -8.61
C PRO D 268 25.35 -12.28 -7.43
N ARG D 269 25.72 -11.01 -7.41
CA ARG D 269 25.30 -10.15 -6.31
C ARG D 269 24.20 -9.22 -6.81
N GLU D 270 22.95 -9.58 -6.56
CA GLU D 270 21.79 -8.79 -6.96
C GLU D 270 21.71 -7.42 -6.28
N ALA D 271 22.39 -7.28 -5.14
CA ALA D 271 22.36 -6.07 -4.34
C ALA D 271 23.17 -4.98 -5.02
N LEU D 272 24.19 -5.39 -5.76
CA LEU D 272 25.01 -4.49 -6.58
C LEU D 272 24.16 -3.71 -7.60
N LEU D 273 23.28 -4.42 -8.31
CA LEU D 273 22.41 -3.78 -9.29
C LEU D 273 21.41 -2.84 -8.61
N ALA D 274 20.92 -3.24 -7.44
CA ALA D 274 19.98 -2.42 -6.67
C ALA D 274 20.63 -1.17 -6.10
N GLU D 275 21.87 -1.30 -5.64
CA GLU D 275 22.63 -0.16 -5.13
C GLU D 275 22.95 0.82 -6.26
N ALA D 276 23.52 0.32 -7.35
CA ALA D 276 23.85 1.18 -8.48
C ALA D 276 22.61 1.86 -9.08
N ALA D 277 21.45 1.21 -9.01
CA ALA D 277 20.20 1.83 -9.46
C ALA D 277 19.82 3.02 -8.55
N THR D 278 20.11 2.89 -7.25
CA THR D 278 19.90 4.00 -6.32
C THR D 278 20.87 5.15 -6.57
N CYS D 279 22.14 4.86 -6.84
CA CYS D 279 23.09 5.94 -7.14
C CYS D 279 22.61 6.68 -8.39
N VAL D 280 22.13 5.93 -9.39
CA VAL D 280 21.56 6.54 -10.60
C VAL D 280 20.31 7.39 -10.30
N ALA D 281 19.36 6.82 -9.57
CA ALA D 281 18.12 7.52 -9.22
C ALA D 281 18.42 8.89 -8.60
N GLY D 282 19.28 8.92 -7.59
CA GLY D 282 19.69 10.16 -6.95
C GLY D 282 20.12 11.25 -7.92
N VAL D 283 20.95 10.87 -8.88
CA VAL D 283 21.38 11.72 -9.97
C VAL D 283 20.21 12.20 -10.87
N LEU D 284 19.20 11.36 -11.09
CA LEU D 284 18.13 11.72 -12.01
C LEU D 284 17.02 12.52 -11.31
N ALA D 285 17.05 12.54 -9.99
CA ALA D 285 16.01 13.19 -9.19
C ALA D 285 16.17 14.71 -9.12
#